data_5KD6
#
_entry.id   5KD6
#
_cell.length_a   96.060
_cell.length_b   134.140
_cell.length_c   68.620
_cell.angle_alpha   90.00
_cell.angle_beta   90.00
_cell.angle_gamma   90.00
#
_symmetry.space_group_name_H-M   'P 21 21 2'
#
loop_
_entity.id
_entity.type
_entity.pdbx_description
1 polymer 'aromatic prenyltransferase'
2 non-polymer 'DIMETHYLALLYL S-THIOLODIPHOSPHATE'
3 non-polymer 'methyl (2S)-4-hydroxy-3-(4-hydroxyphenyl)-2-[(4-hydroxyphenyl)methyl]-5-oxo-2,5-dihydrofuran-2-carboxylate'
4 water water
#
_entity_poly.entity_id   1
_entity_poly.type   'polypeptide(L)'
_entity_poly.pdbx_seq_one_letter_code
;GPLGSRPWQILSQALGFPNYDQELWWQNTAETLNRVLEQCDYSVHLQYKYLAFYHKYILPSLGPFRRPGVEPEYISGLSH
GGHPLEISVKIDKSKTICRLGLQAIGPLAGTARDPLNSFGDRELLKNLATLLPHVDLRLFDHFNAQVGLDRAQCAVATTK
LIKESHNIVCTSLDLKDGEVIPKVYFSTIPKGLVTETPLFDLTFAAIEQMEVYHKDAPLRTALSSLKDFLRPRVPTDASI
TPPLTGLIGVDCIDPMLSRLKVYLATFRMDLSLIRDYWTLGGLLTDAGTMKGLEMVETLAKTLKLGDEACETLDAERLPF
GINYAMKPGTAELAPPQIYFPLLGINDGFIADALVEFFQYMGWEDQANRYKDELKAKFPNVDISQTKNVHRWLGVAYSET
KGPSMNIYYDVVAGNVARV
;
_entity_poly.pdbx_strand_id   A,B
#
loop_
_chem_comp.id
_chem_comp.type
_chem_comp.name
_chem_comp.formula
DST non-polymer 'DIMETHYLALLYL S-THIOLODIPHOSPHATE' 'C5 H12 O6 P2 S'
LBU non-polymer 'methyl (2S)-4-hydroxy-3-(4-hydroxyphenyl)-2-[(4-hydroxyphenyl)methyl]-5-oxo-2,5-dihydrofuran-2-carboxylate' 'C19 H16 O7'
#
# COMPACT_ATOMS: atom_id res chain seq x y z
N GLY A 4 24.51 29.30 17.43
CA GLY A 4 23.16 29.43 17.93
C GLY A 4 22.83 28.22 18.76
N SER A 5 21.93 28.38 19.71
CA SER A 5 21.61 27.30 20.59
C SER A 5 20.14 26.99 20.64
N ARG A 6 19.37 27.48 19.70
CA ARG A 6 18.00 27.04 19.58
C ARG A 6 17.92 25.66 18.90
N PRO A 7 16.85 24.94 19.15
CA PRO A 7 16.83 23.55 18.66
C PRO A 7 17.06 23.39 17.15
N TRP A 8 16.50 24.27 16.34
CA TRP A 8 16.69 24.15 14.89
C TRP A 8 18.17 24.30 14.52
N GLN A 9 18.89 25.13 15.29
CA GLN A 9 20.31 25.41 15.01
C GLN A 9 21.17 24.28 15.51
N ILE A 10 20.87 23.83 16.71
CA ILE A 10 21.56 22.71 17.29
C ILE A 10 21.44 21.46 16.44
N LEU A 11 20.26 21.20 15.93
CA LEU A 11 20.09 20.02 15.06
C LEU A 11 20.81 20.14 13.70
N SER A 12 20.81 21.34 13.10
CA SER A 12 21.72 21.62 11.96
C SER A 12 23.18 21.28 12.26
N GLN A 13 23.65 21.73 13.39
CA GLN A 13 25.03 21.48 13.78
C GLN A 13 25.34 20.02 14.08
N ALA A 14 24.35 19.29 14.61
CA ALA A 14 24.52 17.86 14.99
C ALA A 14 24.45 16.96 13.76
N LEU A 15 23.54 17.30 12.87
CA LEU A 15 23.10 16.36 11.85
C LEU A 15 23.67 16.70 10.47
N GLY A 16 23.87 18.01 10.19
CA GLY A 16 24.23 18.43 8.83
C GLY A 16 23.12 17.94 7.89
N PHE A 17 23.51 17.75 6.64
CA PHE A 17 22.62 17.45 5.59
C PHE A 17 23.19 16.45 4.59
N PRO A 18 22.36 15.56 4.08
CA PRO A 18 22.85 14.58 3.09
C PRO A 18 23.13 15.22 1.73
N ASN A 19 22.46 16.33 1.42
CA ASN A 19 22.58 16.99 0.12
C ASN A 19 22.15 18.41 0.25
N TYR A 20 22.37 19.18 -0.78
CA TYR A 20 22.09 20.58 -0.69
C TYR A 20 20.61 20.92 -0.65
N ASP A 21 19.76 20.17 -1.35
CA ASP A 21 18.35 20.44 -1.31
C ASP A 21 17.79 20.35 0.10
N GLN A 22 18.19 19.32 0.83
CA GLN A 22 17.75 19.18 2.21
C GLN A 22 18.26 20.37 3.05
N GLU A 23 19.50 20.76 2.83
CA GLU A 23 20.04 21.94 3.51
C GLU A 23 19.15 23.20 3.22
N LEU A 24 18.84 23.46 1.95
CA LEU A 24 17.98 24.56 1.59
C LEU A 24 16.59 24.43 2.24
N TRP A 25 16.01 23.27 2.25
CA TRP A 25 14.71 23.10 2.91
C TRP A 25 14.80 23.50 4.36
N TRP A 26 15.84 23.01 5.03
CA TRP A 26 16.02 23.35 6.45
C TRP A 26 16.21 24.85 6.63
N GLN A 27 17.01 25.44 5.77
CA GLN A 27 17.28 26.92 5.82
C GLN A 27 16.08 27.81 5.54
N ASN A 28 15.04 27.32 4.87
CA ASN A 28 13.85 28.08 4.56
C ASN A 28 12.61 27.63 5.36
N THR A 29 12.75 26.64 6.27
CA THR A 29 11.56 26.13 7.01
C THR A 29 11.76 25.88 8.51
N ALA A 30 12.97 25.53 8.91
CA ALA A 30 13.19 24.95 10.27
C ALA A 30 13.12 26.00 11.36
N GLU A 31 13.63 27.19 11.07
CA GLU A 31 13.51 28.29 12.02
C GLU A 31 12.02 28.58 12.29
N THR A 32 11.23 28.80 11.22
CA THR A 32 9.75 29.00 11.37
C THR A 32 9.10 27.86 12.13
N LEU A 33 9.39 26.60 11.77
CA LEU A 33 8.80 25.54 12.50
C LEU A 33 9.19 25.60 14.01
N ASN A 34 10.47 25.91 14.31
CA ASN A 34 10.88 25.95 15.73
C ASN A 34 10.03 27.09 16.45
N ARG A 35 9.89 28.19 15.76
CA ARG A 35 9.11 29.35 16.29
C ARG A 35 7.63 29.01 16.56
N VAL A 36 7.00 28.34 15.62
CA VAL A 36 5.65 27.89 15.80
C VAL A 36 5.56 26.95 17.01
N LEU A 37 6.48 25.99 17.10
CA LEU A 37 6.45 25.10 18.21
C LEU A 37 6.58 25.81 19.56
N GLU A 38 7.50 26.75 19.64
CA GLU A 38 7.71 27.56 20.85
C GLU A 38 6.41 28.33 21.16
N GLN A 39 5.84 28.93 20.14
CA GLN A 39 4.63 29.76 20.32
C GLN A 39 3.41 29.01 20.80
N CYS A 40 3.34 27.74 20.45
CA CYS A 40 2.32 26.89 20.91
C CYS A 40 2.61 26.19 22.27
N ASP A 41 3.62 26.65 22.98
CA ASP A 41 4.00 26.19 24.31
C ASP A 41 4.35 24.67 24.28
N TYR A 42 4.97 24.22 23.21
CA TYR A 42 5.65 22.86 23.29
C TYR A 42 6.91 22.95 24.15
N SER A 43 7.13 21.99 25.05
CA SER A 43 8.36 21.96 25.74
C SER A 43 9.57 21.86 24.79
N VAL A 44 10.72 22.20 25.34
CA VAL A 44 11.96 22.12 24.61
C VAL A 44 12.18 20.66 24.13
N HIS A 45 11.91 19.68 25.01
CA HIS A 45 12.01 18.24 24.67
C HIS A 45 11.12 17.88 23.47
N LEU A 46 9.91 18.40 23.43
CA LEU A 46 9.04 18.21 22.22
C LEU A 46 9.53 18.99 21.05
N GLN A 47 10.12 20.17 21.24
CA GLN A 47 10.66 20.91 20.12
C GLN A 47 11.76 20.02 19.45
N TYR A 48 12.67 19.48 20.25
CA TYR A 48 13.72 18.56 19.71
C TYR A 48 13.07 17.35 19.10
N LYS A 49 12.02 16.80 19.73
CA LYS A 49 11.42 15.62 19.16
C LYS A 49 10.88 15.87 17.75
N TYR A 50 10.18 16.99 17.57
CA TYR A 50 9.58 17.25 16.29
C TYR A 50 10.54 17.73 15.23
N LEU A 51 11.50 18.58 15.61
CA LEU A 51 12.53 19.04 14.67
C LEU A 51 13.43 17.92 14.24
N ALA A 52 13.73 17.00 15.15
CA ALA A 52 14.59 15.85 14.79
C ALA A 52 13.84 14.91 13.81
N PHE A 53 12.60 14.67 14.13
CA PHE A 53 11.69 13.93 13.28
C PHE A 53 11.60 14.59 11.86
N TYR A 54 11.44 15.92 11.84
CA TYR A 54 11.36 16.66 10.59
C TYR A 54 12.65 16.44 9.77
N HIS A 55 13.80 16.57 10.43
CA HIS A 55 15.10 16.42 9.76
C HIS A 55 15.27 15.02 9.13
N LYS A 56 14.89 14.00 9.88
CA LYS A 56 15.14 12.64 9.48
C LYS A 56 14.12 12.15 8.48
N TYR A 57 12.84 12.41 8.72
CA TYR A 57 11.77 11.84 7.94
C TYR A 57 11.26 12.75 6.86
N ILE A 58 11.14 14.05 7.16
CA ILE A 58 10.46 14.96 6.26
C ILE A 58 11.42 15.57 5.25
N LEU A 59 12.58 16.08 5.65
CA LEU A 59 13.49 16.64 4.68
C LEU A 59 13.70 15.76 3.41
N PRO A 60 14.01 14.46 3.60
CA PRO A 60 14.24 13.65 2.34
C PRO A 60 12.98 13.43 1.53
N SER A 61 11.82 13.49 2.15
CA SER A 61 10.55 13.37 1.47
C SER A 61 10.16 14.62 0.66
N LEU A 62 10.78 15.76 0.94
CA LEU A 62 10.37 17.02 0.24
C LEU A 62 10.98 17.20 -1.13
N GLY A 63 11.95 16.37 -1.50
CA GLY A 63 12.47 16.47 -2.87
C GLY A 63 13.38 17.70 -3.06
N PRO A 64 13.60 18.09 -4.30
CA PRO A 64 14.44 19.20 -4.65
C PRO A 64 13.78 20.49 -4.18
N PHE A 65 14.59 21.46 -3.82
CA PHE A 65 14.06 22.76 -3.43
C PHE A 65 14.02 23.66 -4.66
N ARG A 66 12.83 23.84 -5.18
CA ARG A 66 12.59 24.69 -6.33
C ARG A 66 13.07 26.10 -6.04
N ARG A 67 13.92 26.58 -6.95
CA ARG A 67 14.55 27.86 -6.80
C ARG A 67 15.02 28.35 -8.17
N PRO A 68 15.38 29.64 -8.26
CA PRO A 68 15.79 30.17 -9.60
C PRO A 68 17.02 29.36 -10.13
N GLY A 69 16.88 28.91 -11.36
CA GLY A 69 17.95 28.14 -12.05
C GLY A 69 17.74 26.67 -11.89
N VAL A 70 16.89 26.23 -10.94
CA VAL A 70 16.66 24.78 -10.68
C VAL A 70 15.18 24.45 -10.64
N GLU A 71 14.70 23.88 -11.72
CA GLU A 71 13.30 23.53 -11.88
C GLU A 71 13.10 22.06 -11.76
N PRO A 72 12.45 21.62 -10.67
CA PRO A 72 12.19 20.21 -10.48
C PRO A 72 11.25 19.63 -11.55
N GLU A 73 11.30 18.32 -11.74
CA GLU A 73 10.33 17.61 -12.59
C GLU A 73 8.95 17.66 -12.03
N TYR A 74 8.85 17.70 -10.71
CA TYR A 74 7.56 17.65 -10.05
C TYR A 74 7.29 18.98 -9.34
N ILE A 75 6.17 19.59 -9.71
CA ILE A 75 5.69 20.84 -9.11
C ILE A 75 4.43 20.58 -8.30
N SER A 76 4.47 20.97 -7.02
CA SER A 76 3.34 20.78 -6.11
C SER A 76 2.36 21.93 -6.11
N GLY A 77 1.08 21.59 -5.98
CA GLY A 77 0.04 22.58 -5.79
C GLY A 77 -0.14 23.01 -4.38
N LEU A 78 0.64 22.46 -3.43
CA LEU A 78 0.46 22.81 -2.02
C LEU A 78 0.86 24.23 -1.64
N SER A 79 1.70 24.85 -2.44
CA SER A 79 2.18 26.18 -2.17
C SER A 79 2.22 27.03 -3.44
N HIS A 80 2.51 28.32 -3.25
CA HIS A 80 2.54 29.22 -4.43
C HIS A 80 3.79 29.00 -5.27
N GLY A 81 4.90 28.61 -4.62
CA GLY A 81 6.22 28.55 -5.34
C GLY A 81 6.47 27.15 -5.88
N GLY A 82 5.51 26.24 -5.71
CA GLY A 82 5.63 24.84 -6.18
C GLY A 82 6.22 23.86 -5.18
N HIS A 83 6.48 24.35 -3.96
CA HIS A 83 7.05 23.57 -2.82
C HIS A 83 6.00 22.66 -2.20
N PRO A 84 6.33 21.34 -2.00
CA PRO A 84 5.35 20.41 -1.46
C PRO A 84 5.26 20.48 0.04
N LEU A 85 5.05 21.68 0.60
CA LEU A 85 5.05 21.86 2.07
C LEU A 85 4.11 22.96 2.49
N GLU A 86 3.41 22.71 3.60
CA GLU A 86 2.67 23.74 4.37
C GLU A 86 2.83 23.51 5.86
N ILE A 87 2.75 24.57 6.66
CA ILE A 87 2.71 24.44 8.11
C ILE A 87 1.38 25.09 8.54
N SER A 88 0.63 24.40 9.38
CA SER A 88 -0.57 24.93 9.92
C SER A 88 -0.64 24.91 11.43
N VAL A 89 -1.49 25.80 11.99
CA VAL A 89 -1.83 25.75 13.41
C VAL A 89 -3.31 25.58 13.59
N LYS A 90 -3.71 24.80 14.59
CA LYS A 90 -5.13 24.67 14.95
C LYS A 90 -5.26 25.26 16.33
N ILE A 91 -6.09 26.30 16.43
CA ILE A 91 -6.16 27.12 17.63
C ILE A 91 -7.55 26.83 18.22
N ASP A 92 -7.57 26.46 19.50
CA ASP A 92 -8.76 26.35 20.40
C ASP A 92 -8.70 27.48 21.42
N LYS A 93 -9.76 27.51 22.22
CA LYS A 93 -9.77 28.16 23.54
C LYS A 93 -8.52 27.80 24.37
N SER A 94 -8.36 26.50 24.66
CA SER A 94 -7.33 26.01 25.58
C SER A 94 -5.88 25.92 25.00
N LYS A 95 -5.71 25.65 23.71
CA LYS A 95 -4.37 25.33 23.18
C LYS A 95 -4.23 25.54 21.67
N THR A 96 -2.96 25.50 21.20
CA THR A 96 -2.66 25.57 19.76
C THR A 96 -1.73 24.37 19.42
N ILE A 97 -2.14 23.60 18.40
CA ILE A 97 -1.45 22.39 17.84
C ILE A 97 -0.81 22.84 16.54
N CYS A 98 0.34 22.26 16.21
CA CYS A 98 1.07 22.56 14.96
C CYS A 98 0.90 21.31 14.13
N ARG A 99 0.80 21.48 12.81
CA ARG A 99 0.63 20.41 11.87
C ARG A 99 1.47 20.65 10.59
N LEU A 100 2.03 19.59 10.01
CA LEU A 100 2.77 19.68 8.74
C LEU A 100 1.93 19.09 7.65
N GLY A 101 1.99 19.66 6.43
CA GLY A 101 1.23 19.12 5.27
C GLY A 101 2.25 19.03 4.16
N LEU A 102 2.35 17.89 3.48
CA LEU A 102 3.37 17.73 2.46
C LEU A 102 2.89 16.74 1.42
N GLN A 103 3.59 16.73 0.28
CA GLN A 103 3.62 15.54 -0.58
C GLN A 103 5.01 14.97 -0.53
N ALA A 104 5.10 13.67 -0.32
CA ALA A 104 6.34 12.98 -0.25
C ALA A 104 6.79 12.67 -1.68
N ILE A 105 7.86 13.32 -2.12
CA ILE A 105 8.23 13.31 -3.54
C ILE A 105 9.13 12.12 -3.83
N GLY A 106 8.64 11.22 -4.65
CA GLY A 106 9.49 10.16 -5.17
C GLY A 106 10.61 10.60 -6.10
N PRO A 107 11.70 9.79 -6.19
CA PRO A 107 12.84 10.26 -6.96
C PRO A 107 12.65 10.28 -8.50
N LEU A 108 11.58 9.71 -8.95
CA LEU A 108 11.24 9.72 -10.38
C LEU A 108 9.95 10.49 -10.62
N ALA A 109 9.48 11.21 -9.61
CA ALA A 109 8.18 11.88 -9.70
C ALA A 109 8.18 12.90 -10.86
N GLY A 110 7.08 12.91 -11.57
CA GLY A 110 6.82 13.76 -12.70
C GLY A 110 7.59 13.40 -13.96
N THR A 111 8.06 12.20 -14.05
CA THR A 111 8.64 11.63 -15.30
C THR A 111 7.84 10.44 -15.65
N ALA A 112 8.23 9.83 -16.76
CA ALA A 112 7.48 8.70 -17.33
C ALA A 112 7.27 7.51 -16.37
N ARG A 113 8.24 7.29 -15.50
CA ARG A 113 8.21 6.11 -14.57
C ARG A 113 7.34 6.37 -13.33
N ASP A 114 6.96 7.64 -13.11
CA ASP A 114 6.10 8.02 -12.02
C ASP A 114 5.38 9.36 -12.25
N PRO A 115 4.45 9.38 -13.22
CA PRO A 115 3.92 10.70 -13.63
C PRO A 115 3.09 11.50 -12.60
N LEU A 116 2.40 10.80 -11.71
CA LEU A 116 1.56 11.47 -10.66
C LEU A 116 2.13 11.32 -9.25
N ASN A 117 3.45 11.07 -9.10
CA ASN A 117 4.06 10.88 -7.77
C ASN A 117 3.26 9.92 -6.89
N SER A 118 3.14 8.71 -7.38
CA SER A 118 2.23 7.74 -6.82
C SER A 118 2.78 6.90 -5.64
N PHE A 119 4.05 7.04 -5.31
CA PHE A 119 4.75 6.07 -4.41
C PHE A 119 5.33 6.69 -3.17
N GLY A 120 5.69 7.98 -3.24
CA GLY A 120 6.50 8.56 -2.16
C GLY A 120 5.75 8.61 -0.82
N ASP A 121 4.46 8.91 -0.85
CA ASP A 121 3.73 9.06 0.41
C ASP A 121 3.58 7.72 1.18
N ARG A 122 3.29 6.65 0.46
CA ARG A 122 3.26 5.33 1.05
C ARG A 122 4.65 4.93 1.62
N GLU A 123 5.72 5.28 0.93
CA GLU A 123 7.07 5.05 1.41
C GLU A 123 7.29 5.76 2.75
N LEU A 124 6.88 7.01 2.79
CA LEU A 124 7.00 7.75 4.08
C LEU A 124 6.15 7.06 5.16
N LEU A 125 4.92 6.75 4.83
CA LEU A 125 4.02 6.13 5.80
C LEU A 125 4.57 4.79 6.31
N LYS A 126 5.22 4.05 5.42
CA LYS A 126 5.88 2.74 5.81
C LYS A 126 6.95 3.00 6.90
N ASN A 127 7.77 4.01 6.66
CA ASN A 127 8.73 4.44 7.64
C ASN A 127 8.15 4.98 8.91
N LEU A 128 6.99 5.63 8.82
CA LEU A 128 6.28 6.00 10.00
C LEU A 128 5.67 4.85 10.78
N ALA A 129 5.26 3.79 10.08
CA ALA A 129 4.76 2.59 10.73
C ALA A 129 5.79 1.79 11.55
N THR A 130 7.08 1.82 11.25
CA THR A 130 8.06 1.18 12.10
C THR A 130 8.54 2.17 13.16
N LEU A 131 8.27 3.47 12.97
CA LEU A 131 8.68 4.49 13.96
C LEU A 131 7.64 4.52 15.08
N LEU A 132 6.37 4.58 14.72
CA LEU A 132 5.30 4.98 15.64
C LEU A 132 4.43 3.76 15.82
N PRO A 133 4.08 3.38 17.05
CA PRO A 133 3.29 2.13 17.25
C PRO A 133 1.81 2.22 16.89
N HIS A 134 1.21 3.41 16.82
CA HIS A 134 -0.23 3.42 16.47
C HIS A 134 -0.53 3.88 15.04
N VAL A 135 0.47 3.85 14.17
CA VAL A 135 0.26 4.20 12.76
C VAL A 135 -0.30 3.00 12.05
N ASP A 136 -1.26 3.21 11.18
CA ASP A 136 -1.95 2.12 10.56
C ASP A 136 -2.10 2.46 9.08
N LEU A 137 -1.80 1.51 8.23
CA LEU A 137 -1.78 1.71 6.78
C LEU A 137 -3.00 1.21 6.04
N ARG A 138 -3.97 0.67 6.74
CA ARG A 138 -5.07 -0.07 6.06
C ARG A 138 -5.99 0.83 5.30
N LEU A 139 -6.31 2.00 5.83
CA LEU A 139 -7.16 2.90 5.08
C LEU A 139 -6.37 3.58 3.93
N PHE A 140 -5.11 3.93 4.17
CA PHE A 140 -4.26 4.35 3.05
C PHE A 140 -4.36 3.34 1.91
N ASP A 141 -4.08 2.10 2.24
CA ASP A 141 -4.08 1.07 1.22
C ASP A 141 -5.39 0.85 0.53
N HIS A 142 -6.49 0.94 1.30
CA HIS A 142 -7.77 0.86 0.71
C HIS A 142 -8.03 1.94 -0.38
N PHE A 143 -7.83 3.19 -0.02
CA PHE A 143 -8.02 4.32 -0.95
C PHE A 143 -7.00 4.40 -2.05
N ASN A 144 -5.81 3.91 -1.77
CA ASN A 144 -4.83 3.78 -2.86
C ASN A 144 -5.29 2.77 -3.88
N ALA A 145 -5.95 1.70 -3.41
CA ALA A 145 -6.47 0.69 -4.34
C ALA A 145 -7.61 1.22 -5.16
N GLN A 146 -8.50 1.96 -4.51
CA GLN A 146 -9.69 2.40 -5.16
C GLN A 146 -9.55 3.63 -6.02
N VAL A 147 -8.66 4.57 -5.71
CA VAL A 147 -8.55 5.76 -6.57
C VAL A 147 -7.17 5.97 -7.20
N GLY A 148 -6.20 5.09 -6.91
CA GLY A 148 -4.90 5.10 -7.60
C GLY A 148 -5.03 4.62 -9.06
N LEU A 149 -4.00 4.89 -9.82
CA LEU A 149 -3.98 4.65 -11.23
C LEU A 149 -2.67 3.97 -11.60
N ASP A 150 -2.69 3.13 -12.61
CA ASP A 150 -1.47 2.49 -13.15
C ASP A 150 -0.71 3.51 -13.96
N ARG A 151 0.48 3.13 -14.45
CA ARG A 151 1.34 4.12 -15.09
C ARG A 151 0.71 4.66 -16.34
N ALA A 152 0.08 3.83 -17.15
CA ALA A 152 -0.47 4.35 -18.41
C ALA A 152 -1.61 5.36 -18.13
N GLN A 153 -2.43 5.01 -17.14
CA GLN A 153 -3.49 5.90 -16.67
C GLN A 153 -2.93 7.18 -16.11
N CYS A 154 -1.91 7.09 -15.31
CA CYS A 154 -1.23 8.30 -14.80
C CYS A 154 -0.73 9.23 -15.92
N ALA A 155 -0.20 8.60 -16.97
CA ALA A 155 0.27 9.35 -18.14
C ALA A 155 -0.91 10.08 -18.85
N VAL A 156 -2.05 9.38 -19.01
CA VAL A 156 -3.25 10.03 -19.54
C VAL A 156 -3.69 11.20 -18.69
N ALA A 157 -3.72 10.99 -17.40
CA ALA A 157 -4.08 12.07 -16.49
C ALA A 157 -3.21 13.33 -16.62
N THR A 158 -1.89 13.21 -16.86
CA THR A 158 -1.02 14.42 -17.02
C THR A 158 -1.33 15.25 -18.24
N THR A 159 -1.93 14.64 -19.25
CA THR A 159 -2.44 15.38 -20.44
C THR A 159 -3.77 16.13 -20.20
N LYS A 160 -4.44 15.82 -19.09
CA LYS A 160 -5.76 16.44 -18.79
C LYS A 160 -5.72 17.36 -17.58
N LEU A 161 -4.53 17.57 -17.01
CA LEU A 161 -4.35 18.30 -15.78
C LEU A 161 -3.22 19.22 -15.88
N ILE A 162 -3.38 20.39 -15.27
CA ILE A 162 -2.26 21.30 -15.12
C ILE A 162 -1.17 20.64 -14.24
N LYS A 163 0.04 21.12 -14.44
CA LYS A 163 1.25 20.57 -13.84
C LYS A 163 1.22 20.53 -12.29
N GLU A 164 0.61 21.53 -11.66
CA GLU A 164 0.40 21.59 -10.18
C GLU A 164 -0.64 20.65 -9.64
N SER A 165 -1.36 19.93 -10.50
CA SER A 165 -2.38 19.02 -10.12
C SER A 165 -2.04 17.58 -10.53
N HIS A 166 -0.74 17.34 -10.81
CA HIS A 166 -0.30 15.98 -11.14
C HIS A 166 -0.06 15.21 -9.84
N ASN A 167 -1.11 14.90 -9.10
CA ASN A 167 -0.98 14.28 -7.79
C ASN A 167 -2.18 13.39 -7.53
N ILE A 168 -2.02 12.41 -6.67
CA ILE A 168 -3.13 11.56 -6.22
C ILE A 168 -3.27 11.65 -4.70
N VAL A 169 -2.17 11.83 -3.98
CA VAL A 169 -2.26 11.80 -2.50
C VAL A 169 -1.40 12.89 -1.94
N CYS A 170 -1.77 13.33 -0.74
CA CYS A 170 -0.90 14.11 0.10
C CYS A 170 -1.09 13.72 1.55
N THR A 171 -0.17 14.18 2.37
CA THR A 171 -0.06 13.67 3.74
C THR A 171 -0.07 14.85 4.71
N SER A 172 -0.74 14.75 5.87
CA SER A 172 -0.57 15.76 6.97
C SER A 172 -0.11 15.01 8.20
N LEU A 173 0.58 15.71 9.07
CA LEU A 173 1.10 15.10 10.28
C LEU A 173 0.73 16.04 11.43
N ASP A 174 -0.17 15.61 12.30
CA ASP A 174 -0.54 16.45 13.48
C ASP A 174 0.50 16.24 14.57
N LEU A 175 1.05 17.31 15.09
CA LEU A 175 2.05 17.21 16.14
C LEU A 175 1.33 17.42 17.49
N LYS A 176 0.72 16.36 17.94
CA LYS A 176 -0.30 16.50 18.96
C LYS A 176 0.01 15.61 20.15
N ASP A 177 -0.19 16.18 21.32
CA ASP A 177 0.25 15.60 22.57
C ASP A 177 1.80 15.57 22.35
N GLY A 178 2.40 14.44 22.61
CA GLY A 178 3.80 14.25 22.21
C GLY A 178 3.92 13.32 21.02
N GLU A 179 2.91 13.22 20.17
CA GLU A 179 2.94 12.19 19.16
C GLU A 179 2.98 12.83 17.76
N VAL A 180 3.13 11.95 16.77
CA VAL A 180 2.92 12.32 15.32
C VAL A 180 1.77 11.49 14.80
N ILE A 181 0.72 12.14 14.37
CA ILE A 181 -0.51 11.53 13.92
C ILE A 181 -0.72 11.80 12.45
N PRO A 182 -0.48 10.80 11.59
CA PRO A 182 -0.62 11.05 10.13
C PRO A 182 -2.03 10.90 9.59
N LYS A 183 -2.33 11.73 8.58
CA LYS A 183 -3.58 11.73 7.90
C LYS A 183 -3.18 11.81 6.43
N VAL A 184 -4.02 11.29 5.57
CA VAL A 184 -3.83 11.44 4.13
C VAL A 184 -5.09 11.88 3.43
N TYR A 185 -4.90 12.46 2.25
N TYR A 185 -4.90 12.44 2.23
CA TYR A 185 -6.00 12.86 1.43
CA TYR A 185 -5.97 12.97 1.41
C TYR A 185 -5.72 12.39 0.03
C TYR A 185 -5.75 12.49 -0.01
N PHE A 186 -6.70 11.75 -0.56
CA PHE A 186 -6.64 11.23 -1.90
C PHE A 186 -7.49 12.10 -2.84
N SER A 187 -6.93 12.42 -4.02
CA SER A 187 -7.67 13.18 -5.08
C SER A 187 -8.46 12.24 -5.92
N THR A 188 -9.72 12.64 -6.19
CA THR A 188 -10.64 11.85 -7.01
C THR A 188 -10.55 12.23 -8.50
N ILE A 189 -9.94 13.40 -8.76
CA ILE A 189 -9.93 14.01 -10.11
C ILE A 189 -9.18 13.19 -11.14
N PRO A 190 -7.96 12.71 -10.83
CA PRO A 190 -7.31 11.91 -11.84
C PRO A 190 -8.12 10.70 -12.29
N LYS A 191 -8.66 9.94 -11.35
CA LYS A 191 -9.45 8.77 -11.74
C LYS A 191 -10.71 9.15 -12.52
N GLY A 192 -11.37 10.24 -12.05
CA GLY A 192 -12.58 10.75 -12.72
C GLY A 192 -12.30 11.09 -14.17
N LEU A 193 -11.21 11.80 -14.39
CA LEU A 193 -10.79 12.17 -15.74
C LEU A 193 -10.37 11.03 -16.61
N VAL A 194 -9.65 10.08 -16.05
CA VAL A 194 -9.14 9.00 -16.85
C VAL A 194 -10.25 8.00 -17.17
N THR A 195 -11.14 7.73 -16.22
CA THR A 195 -12.15 6.75 -16.44
C THR A 195 -13.47 7.39 -16.96
N GLU A 196 -13.52 8.71 -17.04
CA GLU A 196 -14.73 9.46 -17.48
C GLU A 196 -15.92 9.07 -16.59
N THR A 197 -15.72 9.12 -15.27
CA THR A 197 -16.69 8.72 -14.28
C THR A 197 -16.93 9.95 -13.43
N PRO A 198 -18.21 10.19 -13.04
CA PRO A 198 -18.52 11.32 -12.19
C PRO A 198 -17.79 11.23 -10.89
N LEU A 199 -17.33 12.37 -10.40
CA LEU A 199 -16.57 12.38 -9.15
C LEU A 199 -17.38 11.87 -7.96
N PHE A 200 -18.65 12.28 -7.89
CA PHE A 200 -19.57 11.79 -6.87
C PHE A 200 -19.67 10.28 -6.85
N ASP A 201 -19.87 9.66 -7.99
CA ASP A 201 -19.98 8.23 -8.08
C ASP A 201 -18.69 7.49 -7.62
N LEU A 202 -17.55 7.95 -8.10
CA LEU A 202 -16.35 7.19 -7.79
C LEU A 202 -15.97 7.44 -6.31
N THR A 203 -16.23 8.61 -5.78
CA THR A 203 -15.96 8.89 -4.37
C THR A 203 -16.74 7.95 -3.43
N PHE A 204 -18.06 7.88 -3.64
CA PHE A 204 -18.90 7.00 -2.84
C PHE A 204 -18.72 5.53 -3.14
N ALA A 205 -18.40 5.18 -4.37
CA ALA A 205 -18.05 3.80 -4.67
C ALA A 205 -16.86 3.35 -3.85
N ALA A 206 -15.82 4.19 -3.76
CA ALA A 206 -14.62 3.89 -3.02
C ALA A 206 -14.86 3.80 -1.51
N ILE A 207 -15.67 4.71 -0.98
CA ILE A 207 -16.07 4.65 0.41
C ILE A 207 -16.92 3.41 0.80
N GLU A 208 -17.82 3.03 -0.08
CA GLU A 208 -18.78 1.97 0.16
C GLU A 208 -18.12 0.63 0.09
N GLN A 209 -16.92 0.58 -0.48
CA GLN A 209 -16.16 -0.65 -0.40
C GLN A 209 -15.20 -0.81 0.82
N MET A 210 -15.12 0.21 1.68
CA MET A 210 -14.35 0.06 2.93
C MET A 210 -14.82 -1.10 3.79
N GLU A 211 -13.88 -1.84 4.38
CA GLU A 211 -14.21 -2.86 5.37
C GLU A 211 -15.09 -2.25 6.50
N VAL A 212 -14.70 -1.09 6.98
CA VAL A 212 -15.45 -0.45 8.11
C VAL A 212 -16.85 -0.03 7.70
N TYR A 213 -17.06 0.35 6.43
CA TYR A 213 -18.38 0.65 5.91
C TYR A 213 -19.24 -0.59 6.03
N HIS A 214 -18.70 -1.74 5.64
CA HIS A 214 -19.45 -2.97 5.74
C HIS A 214 -19.79 -3.39 7.19
N LYS A 215 -18.98 -3.03 8.14
CA LYS A 215 -19.14 -3.42 9.54
C LYS A 215 -19.96 -2.41 10.35
N ASP A 216 -20.06 -1.15 9.92
CA ASP A 216 -20.56 -0.07 10.73
C ASP A 216 -21.84 0.61 10.23
N ALA A 217 -23.00 0.19 10.72
CA ALA A 217 -24.26 0.81 10.34
C ALA A 217 -24.29 2.34 10.54
N PRO A 218 -23.76 2.84 11.68
CA PRO A 218 -23.78 4.30 11.89
C PRO A 218 -23.05 5.07 10.77
N LEU A 219 -21.87 4.59 10.39
CA LEU A 219 -21.15 5.22 9.28
C LEU A 219 -21.93 5.17 8.01
N ARG A 220 -22.54 4.03 7.69
CA ARG A 220 -23.34 3.95 6.47
C ARG A 220 -24.51 4.99 6.46
N THR A 221 -25.07 5.20 7.63
CA THR A 221 -26.20 6.10 7.82
C THR A 221 -25.83 7.58 7.66
N ALA A 222 -24.76 8.00 8.32
CA ALA A 222 -24.13 9.25 8.06
C ALA A 222 -23.81 9.50 6.58
N LEU A 223 -23.23 8.48 5.92
CA LEU A 223 -22.84 8.64 4.55
C LEU A 223 -24.05 8.75 3.64
N SER A 224 -25.09 7.98 4.01
CA SER A 224 -26.35 8.06 3.30
C SER A 224 -26.95 9.47 3.36
N SER A 225 -26.94 10.10 4.54
CA SER A 225 -27.39 11.49 4.71
C SER A 225 -26.51 12.47 3.92
N LEU A 226 -25.18 12.24 3.91
CA LEU A 226 -24.32 13.11 3.15
C LEU A 226 -24.60 12.98 1.65
N LYS A 227 -24.79 11.77 1.14
CA LYS A 227 -25.07 11.58 -0.31
C LYS A 227 -26.35 12.30 -0.70
N ASP A 228 -27.36 12.22 0.16
CA ASP A 228 -28.64 12.87 -0.13
C ASP A 228 -28.47 14.40 -0.23
N PHE A 229 -27.65 14.99 0.66
CA PHE A 229 -27.28 16.38 0.57
C PHE A 229 -26.46 16.71 -0.70
N LEU A 230 -25.44 15.90 -0.95
CA LEU A 230 -24.52 16.18 -2.09
C LEU A 230 -25.09 15.95 -3.49
N ARG A 231 -25.87 14.88 -3.66
CA ARG A 231 -26.31 14.47 -4.98
C ARG A 231 -26.95 15.60 -5.84
N PRO A 232 -27.83 16.45 -5.26
CA PRO A 232 -28.40 17.53 -6.08
C PRO A 232 -27.54 18.75 -6.18
N ARG A 233 -26.40 18.81 -5.49
CA ARG A 233 -25.55 19.99 -5.52
C ARG A 233 -24.28 19.85 -6.36
N VAL A 234 -23.73 18.65 -6.41
CA VAL A 234 -22.51 18.41 -7.19
C VAL A 234 -22.91 17.83 -8.53
N PRO A 235 -22.03 17.87 -9.53
CA PRO A 235 -22.41 17.37 -10.86
C PRO A 235 -22.82 15.91 -10.89
N THR A 236 -23.83 15.59 -11.71
CA THR A 236 -24.20 14.17 -11.96
C THR A 236 -23.44 13.66 -13.16
N ASP A 237 -22.92 14.59 -13.97
CA ASP A 237 -22.10 14.26 -15.16
C ASP A 237 -20.61 14.10 -14.73
N ALA A 238 -19.74 13.84 -15.69
CA ALA A 238 -18.33 13.64 -15.43
C ALA A 238 -17.47 14.90 -15.32
N SER A 239 -18.07 16.07 -15.28
CA SER A 239 -17.36 17.32 -15.37
C SER A 239 -16.65 17.60 -14.09
N ILE A 240 -15.62 18.39 -14.20
CA ILE A 240 -14.89 18.86 -13.06
C ILE A 240 -15.36 20.30 -12.83
N THR A 241 -16.56 20.46 -12.30
CA THR A 241 -17.15 21.75 -12.06
C THR A 241 -17.76 21.81 -10.66
N PRO A 242 -17.89 23.03 -10.09
CA PRO A 242 -18.11 23.14 -8.64
C PRO A 242 -19.58 23.21 -8.32
N PRO A 243 -19.98 22.84 -7.11
CA PRO A 243 -19.12 22.30 -6.06
C PRO A 243 -18.83 20.84 -6.41
N LEU A 244 -17.64 20.36 -6.11
CA LEU A 244 -17.31 19.00 -6.45
C LEU A 244 -16.65 18.24 -5.28
N THR A 245 -16.77 16.94 -5.31
CA THR A 245 -16.14 16.07 -4.29
C THR A 245 -14.73 15.74 -4.79
N GLY A 246 -13.77 16.48 -4.29
CA GLY A 246 -12.41 16.51 -4.85
C GLY A 246 -11.36 15.71 -4.06
N LEU A 247 -11.63 15.42 -2.77
CA LEU A 247 -10.66 14.74 -1.91
C LEU A 247 -11.39 13.86 -0.93
N ILE A 248 -10.79 12.71 -0.64
CA ILE A 248 -11.21 11.82 0.41
C ILE A 248 -10.06 11.77 1.45
N GLY A 249 -10.34 12.20 2.70
CA GLY A 249 -9.36 12.20 3.80
C GLY A 249 -9.58 11.05 4.77
N VAL A 250 -8.50 10.46 5.29
CA VAL A 250 -8.57 9.44 6.33
C VAL A 250 -7.48 9.68 7.30
N ASP A 251 -7.66 9.20 8.53
CA ASP A 251 -6.54 9.22 9.51
C ASP A 251 -5.86 7.90 9.44
N CYS A 252 -4.53 7.85 9.52
CA CYS A 252 -3.78 6.59 9.36
C CYS A 252 -3.67 5.90 10.74
N ILE A 253 -4.84 5.53 11.25
CA ILE A 253 -5.00 4.93 12.57
C ILE A 253 -5.97 3.75 12.42
N ASP A 254 -6.16 3.00 13.46
CA ASP A 254 -7.19 1.96 13.48
C ASP A 254 -8.45 2.41 12.71
N PRO A 255 -8.88 1.67 11.69
CA PRO A 255 -9.93 2.16 10.82
C PRO A 255 -11.23 2.40 11.60
N MET A 256 -11.42 1.70 12.70
CA MET A 256 -12.61 1.96 13.56
C MET A 256 -12.57 3.30 14.33
N LEU A 257 -11.41 3.92 14.42
CA LEU A 257 -11.28 5.20 15.05
C LEU A 257 -11.03 6.34 14.04
N SER A 258 -10.82 6.01 12.77
CA SER A 258 -10.45 7.02 11.80
C SER A 258 -11.64 7.87 11.41
N ARG A 259 -11.47 9.18 11.30
CA ARG A 259 -12.45 10.02 10.64
C ARG A 259 -12.32 9.95 9.13
N LEU A 260 -13.44 9.76 8.46
CA LEU A 260 -13.55 9.78 7.01
C LEU A 260 -13.99 11.17 6.61
N LYS A 261 -13.23 11.86 5.74
CA LYS A 261 -13.52 13.22 5.38
C LYS A 261 -13.82 13.29 3.90
N VAL A 262 -14.91 13.94 3.55
CA VAL A 262 -15.25 14.17 2.13
C VAL A 262 -15.17 15.66 1.94
N TYR A 263 -14.25 16.14 1.09
N TYR A 263 -14.23 16.10 1.12
CA TYR A 263 -13.91 17.57 0.93
CA TYR A 263 -14.05 17.51 0.84
C TYR A 263 -14.47 18.06 -0.38
C TYR A 263 -14.82 17.84 -0.37
N LEU A 264 -15.37 19.05 -0.30
CA LEU A 264 -15.89 19.73 -1.50
C LEU A 264 -15.07 20.93 -1.83
N ALA A 265 -14.89 21.19 -3.12
CA ALA A 265 -14.26 22.44 -3.56
C ALA A 265 -15.28 23.20 -4.36
N THR A 266 -15.23 24.50 -4.22
CA THR A 266 -16.18 25.38 -4.90
C THR A 266 -15.64 26.81 -4.93
N PHE A 267 -16.08 27.59 -5.92
CA PHE A 267 -15.60 28.96 -6.00
C PHE A 267 -16.63 29.96 -5.48
N ARG A 268 -17.90 29.60 -5.55
CA ARG A 268 -18.96 30.49 -5.09
C ARG A 268 -19.28 30.29 -3.61
N MET A 269 -19.37 31.41 -2.92
CA MET A 269 -19.69 31.41 -1.53
C MET A 269 -20.29 32.77 -1.18
N ASP A 270 -21.38 32.73 -0.46
CA ASP A 270 -21.96 33.92 0.12
C ASP A 270 -22.68 33.42 1.35
N LEU A 271 -23.24 34.33 2.12
CA LEU A 271 -23.89 33.94 3.39
C LEU A 271 -24.93 32.86 3.18
N SER A 272 -25.69 32.90 2.09
CA SER A 272 -26.71 31.87 1.86
C SER A 272 -26.08 30.46 1.64
N LEU A 273 -25.02 30.38 0.84
CA LEU A 273 -24.35 29.08 0.64
C LEU A 273 -23.64 28.62 1.94
N ILE A 274 -23.08 29.57 2.69
CA ILE A 274 -22.48 29.21 4.01
C ILE A 274 -23.55 28.46 4.81
N ARG A 275 -24.78 28.96 4.84
CA ARG A 275 -25.82 28.34 5.63
C ARG A 275 -26.20 26.99 5.08
N ASP A 276 -26.32 26.90 3.75
CA ASP A 276 -26.64 25.67 3.09
C ASP A 276 -25.57 24.59 3.44
N TYR A 277 -24.29 24.92 3.30
CA TYR A 277 -23.23 23.92 3.65
C TYR A 277 -23.23 23.58 5.12
N TRP A 278 -23.25 24.62 5.95
CA TRP A 278 -23.07 24.43 7.38
C TRP A 278 -24.22 23.62 7.98
N THR A 279 -25.45 23.84 7.54
CA THR A 279 -26.63 23.18 8.11
C THR A 279 -27.12 21.97 7.34
N LEU A 280 -26.39 21.60 6.27
CA LEU A 280 -26.84 20.60 5.35
C LEU A 280 -28.24 20.86 4.82
N GLY A 281 -28.42 22.07 4.31
CA GLY A 281 -29.66 22.44 3.64
C GLY A 281 -30.88 22.43 4.55
N GLY A 282 -30.68 22.80 5.81
CA GLY A 282 -31.75 22.75 6.82
C GLY A 282 -31.83 21.49 7.67
N LEU A 283 -31.11 20.42 7.34
CA LEU A 283 -31.08 19.19 8.16
C LEU A 283 -30.72 19.50 9.64
N LEU A 284 -29.66 20.30 9.86
CA LEU A 284 -29.25 20.69 11.20
C LEU A 284 -29.86 22.05 11.62
N THR A 285 -30.52 22.06 12.78
CA THR A 285 -31.23 23.24 13.27
C THR A 285 -30.97 23.61 14.74
N ASP A 286 -30.11 22.84 15.42
CA ASP A 286 -29.92 22.92 16.88
C ASP A 286 -29.10 24.18 17.28
N ALA A 287 -29.03 24.47 18.60
CA ALA A 287 -28.45 25.71 19.09
C ALA A 287 -26.95 25.79 18.76
N GLY A 288 -26.24 24.70 19.00
CA GLY A 288 -24.82 24.58 18.66
C GLY A 288 -24.54 24.84 17.18
N THR A 289 -25.31 24.20 16.30
CA THR A 289 -25.17 24.45 14.86
C THR A 289 -25.41 25.91 14.52
N MET A 290 -26.48 26.51 15.03
CA MET A 290 -26.76 27.93 14.66
C MET A 290 -25.73 28.90 15.21
N LYS A 291 -25.19 28.60 16.39
CA LYS A 291 -24.10 29.40 16.98
C LYS A 291 -22.83 29.32 16.12
N GLY A 292 -22.49 28.12 15.68
CA GLY A 292 -21.33 27.99 14.77
C GLY A 292 -21.59 28.73 13.49
N LEU A 293 -22.83 28.67 13.02
CA LEU A 293 -23.17 29.35 11.80
C LEU A 293 -22.95 30.86 11.90
N GLU A 294 -23.33 31.42 13.05
CA GLU A 294 -23.15 32.83 13.26
C GLU A 294 -21.66 33.18 13.24
N MET A 295 -20.84 32.36 13.90
CA MET A 295 -19.38 32.56 13.91
C MET A 295 -18.80 32.60 12.48
N VAL A 296 -19.18 31.60 11.68
CA VAL A 296 -18.65 31.46 10.34
C VAL A 296 -19.11 32.67 9.50
N GLU A 297 -20.36 33.04 9.64
CA GLU A 297 -20.86 34.25 8.95
C GLU A 297 -20.03 35.48 9.32
N THR A 298 -19.75 35.65 10.61
CA THR A 298 -18.94 36.82 11.07
C THR A 298 -17.52 36.82 10.50
N LEU A 299 -16.91 35.63 10.44
CA LEU A 299 -15.58 35.48 9.83
C LEU A 299 -15.65 35.92 8.42
N ALA A 300 -16.61 35.43 7.64
CA ALA A 300 -16.71 35.78 6.24
C ALA A 300 -16.84 37.34 6.06
N LYS A 301 -17.70 37.94 6.87
CA LYS A 301 -17.87 39.41 6.87
C LYS A 301 -16.56 40.10 7.21
N THR A 302 -15.81 39.57 8.15
CA THR A 302 -14.55 40.22 8.56
C THR A 302 -13.48 40.10 7.48
N LEU A 303 -13.52 39.01 6.72
CA LEU A 303 -12.58 38.82 5.63
C LEU A 303 -13.00 39.52 4.34
N ARG A 317 -6.81 32.75 -7.66
CA ARG A 317 -7.41 32.51 -6.37
C ARG A 317 -7.80 31.04 -6.22
N LEU A 318 -7.83 30.60 -4.99
CA LEU A 318 -8.07 29.19 -4.65
C LEU A 318 -9.54 28.97 -4.34
N PRO A 319 -10.05 27.75 -4.54
CA PRO A 319 -11.45 27.50 -4.18
C PRO A 319 -11.71 27.50 -2.66
N PHE A 320 -12.96 27.76 -2.25
CA PHE A 320 -13.41 27.43 -0.89
C PHE A 320 -13.37 25.92 -0.70
N GLY A 321 -13.19 25.50 0.55
CA GLY A 321 -13.28 24.07 0.90
C GLY A 321 -14.39 23.88 1.89
N ILE A 322 -15.10 22.77 1.74
CA ILE A 322 -16.10 22.32 2.70
C ILE A 322 -15.84 20.84 3.05
N ASN A 323 -15.52 20.57 4.30
CA ASN A 323 -15.06 19.26 4.73
C ASN A 323 -16.06 18.63 5.71
N TYR A 324 -16.68 17.56 5.27
CA TYR A 324 -17.63 16.77 6.05
C TYR A 324 -16.90 15.58 6.61
N ALA A 325 -16.82 15.52 7.93
CA ALA A 325 -16.01 14.50 8.61
C ALA A 325 -16.90 13.57 9.37
N MET A 326 -16.72 12.27 9.14
CA MET A 326 -17.55 11.19 9.70
C MET A 326 -16.70 10.15 10.43
N LYS A 327 -17.18 9.63 11.56
CA LYS A 327 -16.42 8.69 12.44
C LYS A 327 -17.23 7.38 12.53
N PRO A 328 -16.57 6.21 12.44
CA PRO A 328 -17.37 5.04 12.72
C PRO A 328 -18.06 5.13 14.11
N GLY A 329 -19.28 4.63 14.18
CA GLY A 329 -20.07 4.65 15.42
C GLY A 329 -20.86 5.93 15.65
N THR A 330 -20.67 6.94 14.80
CA THR A 330 -21.54 8.16 14.77
C THR A 330 -22.51 8.14 13.58
N ALA A 331 -23.83 8.21 13.86
CA ALA A 331 -24.82 8.07 12.76
C ALA A 331 -25.21 9.40 12.10
N GLU A 332 -25.00 10.51 12.77
CA GLU A 332 -25.56 11.78 12.36
C GLU A 332 -24.42 12.66 11.84
N LEU A 333 -24.68 13.44 10.79
CA LEU A 333 -23.68 14.42 10.35
C LEU A 333 -23.62 15.61 11.26
N ALA A 334 -22.40 16.06 11.51
CA ALA A 334 -22.15 17.33 12.15
C ALA A 334 -21.87 18.38 11.06
N PRO A 335 -21.92 19.68 11.43
CA PRO A 335 -21.54 20.70 10.43
C PRO A 335 -20.09 20.52 9.94
N PRO A 336 -19.79 20.99 8.74
CA PRO A 336 -18.48 20.79 8.19
C PRO A 336 -17.46 21.77 8.74
N GLN A 337 -16.22 21.55 8.37
CA GLN A 337 -15.21 22.58 8.46
C GLN A 337 -15.21 23.36 7.15
N ILE A 338 -15.18 24.70 7.23
CA ILE A 338 -15.22 25.53 6.03
C ILE A 338 -13.86 26.23 5.91
N TYR A 339 -13.25 26.11 4.75
CA TYR A 339 -11.89 26.63 4.49
C TYR A 339 -11.97 27.85 3.60
N PHE A 340 -11.53 28.98 4.13
CA PHE A 340 -11.51 30.21 3.35
C PHE A 340 -10.16 30.34 2.59
N PRO A 341 -10.20 30.56 1.25
CA PRO A 341 -8.97 30.71 0.50
C PRO A 341 -8.39 32.12 0.64
N LEU A 342 -7.11 32.23 0.94
CA LEU A 342 -6.51 33.52 1.28
C LEU A 342 -5.35 33.94 0.39
N LEU A 343 -4.95 33.06 -0.51
CA LEU A 343 -3.94 33.35 -1.47
C LEU A 343 -4.35 34.63 -2.26
N GLY A 344 -3.43 35.57 -2.32
CA GLY A 344 -3.63 36.80 -3.06
C GLY A 344 -4.11 37.97 -2.22
N ILE A 345 -4.51 37.72 -0.98
CA ILE A 345 -5.01 38.76 -0.10
C ILE A 345 -3.80 39.11 0.79
N ASN A 346 -3.55 40.41 1.00
CA ASN A 346 -2.42 40.86 1.77
C ASN A 346 -2.40 40.31 3.17
N ASP A 347 -1.24 39.80 3.59
CA ASP A 347 -1.13 39.11 4.85
C ASP A 347 -1.25 40.00 6.11
N GLY A 348 -0.91 41.30 6.00
CA GLY A 348 -1.10 42.23 7.11
C GLY A 348 -2.59 42.48 7.29
N PHE A 349 -3.30 42.60 6.18
CA PHE A 349 -4.77 42.71 6.29
C PHE A 349 -5.39 41.48 6.96
N ILE A 350 -4.91 40.29 6.55
CA ILE A 350 -5.37 39.04 7.16
C ILE A 350 -5.08 38.98 8.64
N ALA A 351 -3.89 39.39 9.06
CA ALA A 351 -3.57 39.40 10.46
C ALA A 351 -4.54 40.36 11.22
N ASP A 352 -4.80 41.55 10.66
CA ASP A 352 -5.77 42.52 11.29
C ASP A 352 -7.20 41.93 11.39
N ALA A 353 -7.62 41.26 10.34
CA ALA A 353 -8.90 40.52 10.32
C ALA A 353 -9.00 39.42 11.34
N LEU A 354 -7.95 38.59 11.43
CA LEU A 354 -7.90 37.59 12.47
C LEU A 354 -7.92 38.17 13.88
N VAL A 355 -7.16 39.24 14.11
CA VAL A 355 -7.21 39.91 15.43
C VAL A 355 -8.68 40.28 15.73
N GLU A 356 -9.39 40.80 14.74
CA GLU A 356 -10.79 41.25 14.91
C GLU A 356 -11.70 40.07 15.27
N PHE A 357 -11.50 38.94 14.58
CA PHE A 357 -12.33 37.76 14.74
C PHE A 357 -12.02 37.10 16.09
N PHE A 358 -10.75 37.08 16.44
CA PHE A 358 -10.36 36.62 17.74
C PHE A 358 -11.06 37.44 18.84
N GLN A 359 -11.06 38.77 18.70
CA GLN A 359 -11.74 39.56 19.75
C GLN A 359 -13.22 39.21 19.76
N TYR A 360 -13.83 39.06 18.57
CA TYR A 360 -15.26 38.68 18.49
C TYR A 360 -15.54 37.37 19.19
N MET A 361 -14.67 36.38 19.03
CA MET A 361 -14.79 35.09 19.72
C MET A 361 -14.53 35.14 21.24
N GLY A 362 -13.95 36.23 21.73
CA GLY A 362 -13.54 36.37 23.13
C GLY A 362 -12.18 35.77 23.38
N TRP A 363 -11.38 35.61 22.32
CA TRP A 363 -10.07 35.03 22.50
C TRP A 363 -9.09 36.15 22.60
N GLU A 364 -9.14 36.87 23.72
CA GLU A 364 -8.32 38.10 23.84
C GLU A 364 -6.83 37.86 23.72
N ASP A 365 -6.36 36.82 24.38
CA ASP A 365 -4.95 36.52 24.41
C ASP A 365 -4.44 36.25 22.97
N GLN A 366 -5.21 35.50 22.20
CA GLN A 366 -4.88 35.23 20.78
C GLN A 366 -4.90 36.50 19.94
N ALA A 367 -5.90 37.35 20.18
CA ALA A 367 -5.95 38.64 19.51
C ALA A 367 -4.73 39.50 19.80
N ASN A 368 -4.33 39.53 21.06
CA ASN A 368 -3.23 40.40 21.48
C ASN A 368 -1.88 39.90 21.02
N ARG A 369 -1.73 38.61 20.78
CA ARG A 369 -0.43 38.14 20.25
C ARG A 369 -0.31 37.77 18.78
N TYR A 370 -1.41 37.71 18.06
CA TYR A 370 -1.38 37.19 16.69
C TYR A 370 -0.34 37.89 15.81
N LYS A 371 -0.37 39.23 15.76
CA LYS A 371 0.49 39.94 14.83
C LYS A 371 1.98 39.86 15.15
N ASP A 372 2.32 40.09 16.41
CA ASP A 372 3.71 39.99 16.85
C ASP A 372 4.30 38.56 16.56
N GLU A 373 3.49 37.57 16.89
CA GLU A 373 3.88 36.13 16.67
C GLU A 373 4.01 35.82 15.17
N LEU A 374 3.14 36.38 14.35
CA LEU A 374 3.26 36.23 12.91
C LEU A 374 4.57 36.78 12.38
N LYS A 375 4.89 38.01 12.79
CA LYS A 375 6.17 38.55 12.45
C LYS A 375 7.34 37.68 12.85
N ALA A 376 7.28 37.22 14.09
CA ALA A 376 8.33 36.42 14.67
C ALA A 376 8.43 35.04 13.99
N LYS A 377 7.34 34.48 13.45
CA LYS A 377 7.33 33.11 12.81
C LYS A 377 8.08 33.21 11.49
N PHE A 378 8.00 34.38 10.85
CA PHE A 378 8.57 34.62 9.51
C PHE A 378 9.59 35.77 9.46
N PRO A 379 10.70 35.61 10.20
CA PRO A 379 11.58 36.75 10.44
C PRO A 379 12.37 37.22 9.19
N ASN A 380 12.55 36.37 8.19
CA ASN A 380 13.35 36.74 7.02
C ASN A 380 12.53 37.41 5.86
N VAL A 381 11.23 37.67 6.06
CA VAL A 381 10.41 38.34 5.08
C VAL A 381 9.55 39.33 5.87
N ASP A 382 9.12 40.41 5.23
CA ASP A 382 8.19 41.31 5.88
C ASP A 382 6.79 40.81 5.52
N ILE A 383 6.11 40.19 6.49
CA ILE A 383 4.80 39.59 6.27
C ILE A 383 3.72 40.65 5.94
N SER A 384 3.96 41.90 6.31
CA SER A 384 3.04 42.97 5.93
C SER A 384 3.02 43.28 4.43
N GLN A 385 4.11 42.93 3.73
CA GLN A 385 4.24 43.15 2.29
C GLN A 385 3.75 41.97 1.45
N THR A 386 3.60 40.77 2.03
CA THR A 386 3.32 39.58 1.21
C THR A 386 1.85 39.37 1.02
N LYS A 387 1.50 38.61 0.01
CA LYS A 387 0.13 38.15 -0.15
C LYS A 387 -0.06 36.65 -0.28
N ASN A 388 1.02 35.88 -0.05
CA ASN A 388 0.91 34.41 -0.26
C ASN A 388 1.19 33.58 0.95
N VAL A 389 1.43 34.22 2.09
CA VAL A 389 1.92 33.45 3.25
C VAL A 389 0.77 32.74 3.93
N HIS A 390 -0.31 33.47 4.32
CA HIS A 390 -1.54 32.80 4.63
C HIS A 390 -2.18 32.20 3.42
N ARG A 391 -2.35 30.87 3.39
CA ARG A 391 -3.01 30.27 2.25
C ARG A 391 -4.45 29.90 2.46
N TRP A 392 -4.76 29.38 3.62
CA TRP A 392 -6.08 28.94 3.95
C TRP A 392 -6.38 29.25 5.41
N LEU A 393 -7.67 29.46 5.71
CA LEU A 393 -8.13 29.55 7.09
C LEU A 393 -9.36 28.63 7.22
N GLY A 394 -9.29 27.53 7.97
CA GLY A 394 -10.46 26.67 8.22
C GLY A 394 -11.11 27.02 9.54
N VAL A 395 -12.43 26.92 9.60
CA VAL A 395 -13.17 27.21 10.82
C VAL A 395 -14.17 26.07 11.09
N ALA A 396 -14.25 25.64 12.36
CA ALA A 396 -15.12 24.55 12.75
C ALA A 396 -15.77 24.85 14.08
N TYR A 397 -16.90 24.20 14.36
CA TYR A 397 -17.50 24.21 15.68
C TYR A 397 -17.88 22.78 15.99
N SER A 398 -17.49 22.33 17.17
CA SER A 398 -17.87 21.01 17.67
C SER A 398 -18.73 21.19 18.93
N GLU A 399 -19.75 20.35 18.99
CA GLU A 399 -20.58 20.26 20.13
C GLU A 399 -19.69 19.85 21.27
N THR A 400 -18.87 18.84 21.03
CA THR A 400 -17.94 18.39 22.02
C THR A 400 -16.83 19.41 22.37
N LYS A 401 -16.21 20.01 21.37
CA LYS A 401 -14.91 20.64 21.64
C LYS A 401 -14.88 22.13 21.53
N GLY A 402 -15.96 22.69 21.06
CA GLY A 402 -16.01 24.10 20.84
C GLY A 402 -15.52 24.45 19.46
N PRO A 403 -15.26 25.72 19.31
CA PRO A 403 -14.85 26.29 18.03
C PRO A 403 -13.35 26.22 17.84
N SER A 404 -12.91 26.12 16.60
CA SER A 404 -11.50 26.11 16.32
C SER A 404 -11.22 26.73 14.97
N MET A 405 -9.99 27.14 14.81
CA MET A 405 -9.53 27.86 13.65
C MET A 405 -8.19 27.20 13.22
N ASN A 406 -8.10 26.82 11.95
CA ASN A 406 -6.90 26.20 11.39
C ASN A 406 -6.33 27.28 10.44
N ILE A 407 -5.11 27.70 10.65
CA ILE A 407 -4.47 28.66 9.75
C ILE A 407 -3.35 27.91 9.01
N TYR A 408 -3.36 27.93 7.71
CA TYR A 408 -2.35 27.21 6.90
C TYR A 408 -1.41 28.19 6.25
N TYR A 409 -0.12 28.00 6.47
CA TYR A 409 0.88 28.85 5.93
C TYR A 409 1.72 28.19 4.85
N ASP A 410 1.99 28.99 3.82
CA ASP A 410 3.04 28.68 2.84
C ASP A 410 4.33 29.10 3.47
N VAL A 411 4.96 28.13 4.17
CA VAL A 411 6.17 28.45 4.90
C VAL A 411 7.32 28.95 4.03
N VAL A 412 7.48 28.35 2.87
CA VAL A 412 8.57 28.70 1.97
C VAL A 412 8.35 30.18 1.48
N ALA A 413 7.12 30.55 1.16
CA ALA A 413 6.77 31.95 0.79
C ALA A 413 7.10 32.93 1.92
N GLY A 414 6.98 32.49 3.17
CA GLY A 414 7.39 33.29 4.34
C GLY A 414 8.85 33.30 4.69
N ASN A 415 9.69 32.62 3.88
CA ASN A 415 11.09 32.54 4.16
C ASN A 415 12.03 32.93 3.03
N VAL A 416 11.61 32.83 1.78
CA VAL A 416 12.53 32.99 0.67
C VAL A 416 12.80 34.48 0.45
N GLY B 4 36.12 -16.14 -14.68
CA GLY B 4 35.02 -16.84 -15.29
C GLY B 4 34.19 -15.93 -16.20
N SER B 5 33.51 -16.52 -17.15
CA SER B 5 32.78 -15.72 -18.10
C SER B 5 31.28 -16.00 -18.25
N ARG B 6 30.70 -16.80 -17.39
CA ARG B 6 29.27 -17.00 -17.38
C ARG B 6 28.56 -15.75 -16.83
N PRO B 7 27.32 -15.52 -17.21
CA PRO B 7 26.69 -14.25 -16.71
C PRO B 7 26.72 -14.03 -15.21
N TRP B 8 26.52 -15.07 -14.43
CA TRP B 8 26.45 -14.93 -12.92
C TRP B 8 27.82 -14.47 -12.40
N GLN B 9 28.86 -14.95 -13.06
CA GLN B 9 30.23 -14.58 -12.76
C GLN B 9 30.60 -13.19 -13.20
N ILE B 10 30.27 -12.84 -14.44
CA ILE B 10 30.47 -11.51 -14.95
C ILE B 10 29.78 -10.40 -14.09
N LEU B 11 28.58 -10.72 -13.63
CA LEU B 11 27.84 -9.76 -12.87
C LEU B 11 28.45 -9.60 -11.48
N SER B 12 28.91 -10.68 -10.89
CA SER B 12 29.70 -10.60 -9.62
C SER B 12 30.94 -9.68 -9.78
N GLN B 13 31.65 -9.86 -10.87
CA GLN B 13 32.84 -9.07 -11.16
C GLN B 13 32.51 -7.62 -11.41
N ALA B 14 31.38 -7.33 -12.05
CA ALA B 14 31.01 -5.97 -12.45
C ALA B 14 30.42 -5.18 -11.28
N LEU B 15 29.63 -5.87 -10.42
CA LEU B 15 28.80 -5.22 -9.46
C LEU B 15 29.29 -5.34 -8.04
N GLY B 16 29.99 -6.42 -7.74
CA GLY B 16 30.38 -6.72 -6.34
C GLY B 16 29.15 -6.75 -5.46
N PHE B 17 29.31 -6.44 -4.18
CA PHE B 17 28.20 -6.64 -3.22
C PHE B 17 28.21 -5.48 -2.19
N PRO B 18 27.04 -4.99 -1.84
CA PRO B 18 26.96 -3.90 -0.85
C PRO B 18 27.33 -4.39 0.56
N ASN B 19 27.14 -5.69 0.81
CA ASN B 19 27.41 -6.25 2.15
C ASN B 19 27.59 -7.74 2.04
N TYR B 20 28.09 -8.34 3.08
CA TYR B 20 28.40 -9.76 3.07
C TYR B 20 27.23 -10.70 2.90
N ASP B 21 26.09 -10.38 3.50
CA ASP B 21 24.89 -11.20 3.31
C ASP B 21 24.47 -11.31 1.84
N GLN B 22 24.52 -10.19 1.16
CA GLN B 22 24.18 -10.19 -0.27
C GLN B 22 25.15 -11.04 -1.06
N GLU B 23 26.44 -10.96 -0.70
CA GLU B 23 27.47 -11.80 -1.32
C GLU B 23 27.22 -13.29 -1.06
N LEU B 24 26.91 -13.67 0.18
CA LEU B 24 26.58 -15.05 0.49
C LEU B 24 25.31 -15.52 -0.30
N TRP B 25 24.31 -14.65 -0.43
CA TRP B 25 23.12 -15.04 -1.17
C TRP B 25 23.47 -15.31 -2.61
N TRP B 26 24.31 -14.46 -3.18
CA TRP B 26 24.76 -14.69 -4.56
C TRP B 26 25.53 -15.98 -4.63
N GLN B 27 26.48 -16.17 -3.71
CA GLN B 27 27.32 -17.36 -3.74
C GLN B 27 26.53 -18.66 -3.57
N ASN B 28 25.33 -18.60 -2.97
CA ASN B 28 24.54 -19.78 -2.72
C ASN B 28 23.32 -19.93 -3.64
N THR B 29 23.14 -19.01 -4.60
CA THR B 29 21.95 -19.09 -5.46
C THR B 29 22.13 -18.69 -6.89
N ALA B 30 23.09 -17.83 -7.24
CA ALA B 30 23.12 -17.21 -8.59
C ALA B 30 23.62 -18.19 -9.66
N GLU B 31 24.55 -19.05 -9.27
CA GLU B 31 25.05 -20.07 -10.15
C GLU B 31 23.91 -21.01 -10.56
N THR B 32 23.16 -21.45 -9.59
CA THR B 32 21.97 -22.33 -9.89
C THR B 32 20.99 -21.56 -10.76
N LEU B 33 20.61 -20.33 -10.33
CA LEU B 33 19.73 -19.56 -11.18
C LEU B 33 20.22 -19.41 -12.67
N ASN B 34 21.52 -19.14 -12.89
CA ASN B 34 21.98 -19.00 -14.24
C ASN B 34 21.82 -20.40 -14.92
N ARG B 35 22.06 -21.45 -14.20
CA ARG B 35 21.95 -22.82 -14.82
C ARG B 35 20.53 -23.12 -15.21
N VAL B 36 19.58 -22.79 -14.33
CA VAL B 36 18.16 -23.00 -14.65
C VAL B 36 17.80 -22.22 -15.94
N LEU B 37 18.19 -20.96 -15.98
CA LEU B 37 17.85 -20.10 -17.11
C LEU B 37 18.44 -20.70 -18.37
N GLU B 38 19.67 -21.14 -18.30
CA GLU B 38 20.34 -21.76 -19.41
C GLU B 38 19.58 -23.01 -19.89
N GLN B 39 19.27 -23.87 -18.96
CA GLN B 39 18.59 -25.17 -19.23
C GLN B 39 17.20 -24.96 -19.78
N CYS B 40 16.55 -23.83 -19.41
CA CYS B 40 15.25 -23.44 -19.98
C CYS B 40 15.27 -22.70 -21.34
N ASP B 41 16.43 -22.63 -21.95
CA ASP B 41 16.66 -21.98 -23.25
C ASP B 41 16.34 -20.51 -23.25
N TYR B 42 16.64 -19.82 -22.15
CA TYR B 42 16.66 -18.35 -22.20
C TYR B 42 17.91 -17.89 -22.92
N SER B 43 17.80 -16.90 -23.79
CA SER B 43 18.97 -16.32 -24.48
C SER B 43 19.98 -15.76 -23.47
N VAL B 44 21.19 -15.56 -23.96
CA VAL B 44 22.19 -14.92 -23.09
C VAL B 44 21.78 -13.49 -22.69
N HIS B 45 21.14 -12.73 -23.58
CA HIS B 45 20.66 -11.41 -23.21
C HIS B 45 19.60 -11.49 -22.07
N LEU B 46 18.71 -12.48 -22.09
CA LEU B 46 17.75 -12.62 -20.98
C LEU B 46 18.40 -13.15 -19.74
N GLN B 47 19.40 -14.03 -19.86
CA GLN B 47 20.17 -14.43 -18.66
C GLN B 47 20.79 -13.19 -17.95
N TYR B 48 21.38 -12.29 -18.71
CA TYR B 48 21.93 -11.05 -18.11
C TYR B 48 20.78 -10.21 -17.57
N LYS B 49 19.67 -10.11 -18.32
CA LYS B 49 18.55 -9.35 -17.81
C LYS B 49 18.09 -9.82 -16.44
N TYR B 50 17.83 -11.10 -16.31
CA TYR B 50 17.25 -11.63 -15.06
C TYR B 50 18.25 -11.68 -13.91
N LEU B 51 19.50 -12.05 -14.19
CA LEU B 51 20.58 -12.06 -13.19
C LEU B 51 20.94 -10.63 -12.71
N ALA B 52 20.93 -9.62 -13.59
CA ALA B 52 21.20 -8.22 -13.21
C ALA B 52 20.03 -7.67 -12.31
N PHE B 53 18.81 -8.05 -12.72
CA PHE B 53 17.58 -7.82 -11.92
C PHE B 53 17.67 -8.43 -10.51
N TYR B 54 18.06 -9.70 -10.47
CA TYR B 54 18.24 -10.45 -9.30
C TYR B 54 19.22 -9.75 -8.38
N HIS B 55 20.34 -9.37 -8.94
CA HIS B 55 21.36 -8.70 -8.15
C HIS B 55 20.83 -7.39 -7.49
N LYS B 56 20.22 -6.55 -8.30
CA LYS B 56 19.86 -5.21 -7.90
C LYS B 56 18.64 -5.22 -6.97
N TYR B 57 17.65 -6.01 -7.31
CA TYR B 57 16.32 -5.95 -6.62
C TYR B 57 16.12 -7.06 -5.62
N ILE B 58 16.61 -8.27 -5.88
CA ILE B 58 16.26 -9.38 -5.03
C ILE B 58 17.25 -9.60 -3.90
N LEU B 59 18.56 -9.51 -4.17
CA LEU B 59 19.55 -9.67 -3.14
C LEU B 59 19.28 -8.77 -1.91
N PRO B 60 19.02 -7.48 -2.11
CA PRO B 60 18.78 -6.69 -0.89
C PRO B 60 17.47 -7.09 -0.19
N SER B 61 16.51 -7.63 -0.95
CA SER B 61 15.24 -8.05 -0.36
C SER B 61 15.31 -9.32 0.45
N LEU B 62 16.36 -10.10 0.28
CA LEU B 62 16.44 -11.41 0.95
C LEU B 62 16.96 -11.32 2.35
N GLY B 63 17.39 -10.15 2.80
CA GLY B 63 17.82 -10.01 4.22
C GLY B 63 19.05 -10.81 4.56
N PRO B 64 19.27 -11.07 5.85
CA PRO B 64 20.46 -11.81 6.17
C PRO B 64 20.43 -13.22 5.71
N PHE B 65 21.61 -13.75 5.47
CA PHE B 65 21.81 -15.15 5.06
C PHE B 65 22.03 -16.00 6.28
N ARG B 66 20.99 -16.69 6.67
CA ARG B 66 21.03 -17.57 7.81
C ARG B 66 22.06 -18.67 7.62
N ARG B 67 22.88 -18.77 8.67
CA ARG B 67 24.08 -19.64 8.60
C ARG B 67 24.58 -19.92 10.01
N PRO B 68 25.48 -20.91 10.15
CA PRO B 68 25.95 -21.27 11.49
C PRO B 68 26.59 -20.06 12.15
N GLY B 69 26.14 -19.77 13.34
CA GLY B 69 26.64 -18.63 14.09
C GLY B 69 25.92 -17.34 13.87
N VAL B 70 25.02 -17.27 12.86
CA VAL B 70 24.29 -16.00 12.55
C VAL B 70 22.83 -16.32 12.37
N GLU B 71 22.07 -16.07 13.42
CA GLU B 71 20.67 -16.41 13.48
C GLU B 71 19.86 -15.12 13.29
N PRO B 72 19.17 -15.00 12.16
CA PRO B 72 18.45 -13.74 11.90
C PRO B 72 17.25 -13.62 12.81
N GLU B 73 16.72 -12.40 12.92
CA GLU B 73 15.49 -12.22 13.66
C GLU B 73 14.26 -12.83 13.00
N TYR B 74 14.25 -12.89 11.67
CA TYR B 74 13.10 -13.37 10.95
C TYR B 74 13.49 -14.68 10.23
N ILE B 75 12.67 -15.70 10.45
CA ILE B 75 12.89 -17.04 9.90
C ILE B 75 11.72 -17.31 8.97
N SER B 76 12.01 -17.63 7.72
CA SER B 76 10.96 -17.82 6.72
C SER B 76 10.56 -19.27 6.63
N GLY B 77 9.29 -19.48 6.33
CA GLY B 77 8.81 -20.85 6.08
C GLY B 77 8.95 -21.28 4.64
N LEU B 78 9.58 -20.46 3.79
CA LEU B 78 9.73 -20.83 2.38
C LEU B 78 10.72 -21.96 2.13
N SER B 79 11.62 -22.24 3.07
CA SER B 79 12.69 -23.23 2.90
C SER B 79 12.98 -24.00 4.18
N HIS B 80 13.75 -25.07 4.01
CA HIS B 80 14.14 -25.87 5.13
C HIS B 80 15.01 -25.12 6.14
N GLY B 81 15.97 -24.35 5.64
CA GLY B 81 16.94 -23.66 6.47
C GLY B 81 16.42 -22.32 6.98
N GLY B 82 15.19 -21.92 6.64
CA GLY B 82 14.68 -20.62 7.08
C GLY B 82 14.97 -19.45 6.14
N HIS B 83 15.53 -19.73 4.98
CA HIS B 83 15.86 -18.76 3.96
C HIS B 83 14.63 -18.37 3.18
N PRO B 84 14.40 -17.09 3.00
CA PRO B 84 13.15 -16.69 2.34
C PRO B 84 13.24 -16.73 0.80
N LEU B 85 13.62 -17.88 0.22
CA LEU B 85 13.77 -18.00 -1.23
C LEU B 85 13.46 -19.41 -1.68
N GLU B 86 12.78 -19.49 -2.83
CA GLU B 86 12.68 -20.71 -3.62
C GLU B 86 12.83 -20.38 -5.07
N ILE B 87 13.27 -21.36 -5.89
CA ILE B 87 13.30 -21.22 -7.31
C ILE B 87 12.47 -22.35 -7.85
N SER B 88 11.56 -22.06 -8.79
CA SER B 88 10.63 -23.08 -9.31
C SER B 88 10.69 -23.07 -10.81
N VAL B 89 10.24 -24.18 -11.41
CA VAL B 89 10.13 -24.27 -12.85
C VAL B 89 8.72 -24.73 -13.16
N LYS B 90 8.16 -24.17 -14.24
CA LYS B 90 6.82 -24.53 -14.70
C LYS B 90 7.04 -25.24 -16.01
N ILE B 91 6.75 -26.52 -16.03
CA ILE B 91 7.12 -27.36 -17.18
C ILE B 91 5.86 -27.74 -17.94
N ASP B 92 5.93 -27.52 -19.26
CA ASP B 92 5.12 -28.15 -20.31
C ASP B 92 5.90 -29.13 -21.12
N LYS B 93 5.18 -29.70 -22.08
CA LYS B 93 5.83 -30.58 -23.03
C LYS B 93 6.95 -29.85 -23.77
N SER B 94 6.77 -28.59 -24.13
CA SER B 94 7.67 -27.96 -25.08
C SER B 94 8.57 -26.87 -24.48
N LYS B 95 8.16 -26.30 -23.34
CA LYS B 95 8.93 -25.19 -22.71
C LYS B 95 8.86 -25.23 -21.22
N THR B 96 9.83 -24.58 -20.60
CA THR B 96 9.93 -24.52 -19.16
C THR B 96 10.20 -23.02 -18.81
N ILE B 97 9.48 -22.52 -17.79
CA ILE B 97 9.58 -21.14 -17.29
C ILE B 97 10.16 -21.22 -15.88
N CYS B 98 11.02 -20.26 -15.54
CA CYS B 98 11.68 -20.19 -14.24
C CYS B 98 10.92 -19.09 -13.48
N ARG B 99 10.75 -19.27 -12.18
CA ARG B 99 10.05 -18.32 -11.34
C ARG B 99 10.82 -18.22 -10.03
N LEU B 100 10.76 -17.09 -9.39
CA LEU B 100 11.39 -16.87 -8.10
C LEU B 100 10.26 -16.71 -7.10
N GLY B 101 10.45 -17.24 -5.89
CA GLY B 101 9.49 -17.06 -4.80
C GLY B 101 10.27 -16.54 -3.62
N LEU B 102 9.80 -15.45 -3.00
CA LEU B 102 10.49 -14.93 -1.86
C LEU B 102 9.59 -14.26 -0.88
N GLN B 103 10.12 -13.99 0.30
CA GLN B 103 9.60 -12.87 1.13
C GLN B 103 10.64 -11.79 1.14
N ALA B 104 10.24 -10.57 0.90
CA ALA B 104 11.16 -9.46 0.96
C ALA B 104 11.25 -9.03 2.43
N ILE B 105 12.43 -9.09 2.98
CA ILE B 105 12.65 -8.99 4.42
C ILE B 105 12.95 -7.54 4.80
N GLY B 106 12.07 -6.93 5.56
CA GLY B 106 12.37 -5.62 6.09
C GLY B 106 13.46 -5.63 7.14
N PRO B 107 14.15 -4.50 7.31
CA PRO B 107 15.23 -4.40 8.27
C PRO B 107 14.92 -4.50 9.75
N LEU B 108 13.64 -4.43 10.13
CA LEU B 108 13.21 -4.66 11.51
C LEU B 108 12.28 -5.89 11.60
N ALA B 109 12.24 -6.70 10.53
CA ALA B 109 11.41 -7.88 10.50
C ALA B 109 11.69 -8.82 11.69
N GLY B 110 10.61 -9.35 12.29
CA GLY B 110 10.67 -10.30 13.38
C GLY B 110 11.07 -9.68 14.71
N THR B 111 10.94 -8.37 14.80
CA THR B 111 11.18 -7.65 16.02
C THR B 111 9.98 -6.82 16.37
N ALA B 112 9.96 -6.15 17.52
CA ALA B 112 8.72 -5.46 17.96
C ALA B 112 8.14 -4.43 16.97
N ARG B 113 9.03 -3.79 16.19
CA ARG B 113 8.60 -2.75 15.23
C ARG B 113 8.08 -3.34 13.95
N ASP B 114 8.18 -4.66 13.72
CA ASP B 114 7.65 -5.29 12.51
C ASP B 114 7.51 -6.81 12.69
N PRO B 115 6.53 -7.26 13.52
CA PRO B 115 6.54 -8.67 13.97
C PRO B 115 6.27 -9.67 12.88
N LEU B 116 5.50 -9.31 11.87
CA LEU B 116 5.12 -10.24 10.76
C LEU B 116 5.69 -9.86 9.38
N ASN B 117 6.79 -9.10 9.37
CA ASN B 117 7.39 -8.64 8.13
C ASN B 117 6.36 -8.02 7.20
N SER B 118 5.70 -6.96 7.68
CA SER B 118 4.56 -6.37 6.98
C SER B 118 4.82 -5.38 5.82
N PHE B 119 6.08 -5.00 5.58
CA PHE B 119 6.42 -3.86 4.78
C PHE B 119 7.33 -4.16 3.58
N GLY B 120 8.17 -5.18 3.67
CA GLY B 120 9.23 -5.37 2.72
C GLY B 120 8.73 -5.75 1.36
N ASP B 121 7.67 -6.58 1.26
CA ASP B 121 7.14 -6.92 -0.05
C ASP B 121 6.57 -5.73 -0.82
N ARG B 122 5.81 -4.90 -0.15
CA ARG B 122 5.27 -3.74 -0.84
C ARG B 122 6.38 -2.73 -1.24
N GLU B 123 7.43 -2.62 -0.47
CA GLU B 123 8.61 -1.81 -0.86
C GLU B 123 9.27 -2.36 -2.10
N LEU B 124 9.44 -3.68 -2.12
CA LEU B 124 9.97 -4.30 -3.34
C LEU B 124 9.05 -4.01 -4.55
N LEU B 125 7.75 -4.16 -4.36
CA LEU B 125 6.81 -3.97 -5.42
C LEU B 125 6.77 -2.50 -5.86
N LYS B 126 6.96 -1.58 -4.94
CA LYS B 126 7.07 -0.13 -5.29
C LYS B 126 8.26 0.10 -6.28
N ASN B 127 9.39 -0.47 -5.92
CA ASN B 127 10.55 -0.45 -6.83
C ASN B 127 10.37 -1.14 -8.18
N LEU B 128 9.67 -2.26 -8.23
CA LEU B 128 9.26 -2.86 -9.47
C LEU B 128 8.28 -2.02 -10.28
N ALA B 129 7.44 -1.25 -9.60
CA ALA B 129 6.47 -0.39 -10.30
C ALA B 129 7.12 0.78 -11.04
N THR B 130 8.27 1.25 -10.60
CA THR B 130 9.00 2.20 -11.36
C THR B 130 9.93 1.56 -12.40
N LEU B 131 10.23 0.29 -12.24
CA LEU B 131 11.08 -0.45 -13.15
C LEU B 131 10.29 -0.89 -14.35
N LEU B 132 9.15 -1.51 -14.07
CA LEU B 132 8.34 -2.25 -15.07
C LEU B 132 6.99 -1.48 -15.33
N PRO B 133 6.67 -1.11 -16.60
CA PRO B 133 5.40 -0.36 -16.95
C PRO B 133 4.09 -1.08 -16.69
N HIS B 134 4.16 -2.40 -16.73
CA HIS B 134 2.97 -3.24 -16.64
C HIS B 134 2.64 -3.67 -15.19
N VAL B 135 3.39 -3.23 -14.21
CA VAL B 135 3.19 -3.69 -12.84
C VAL B 135 2.07 -2.83 -12.24
N ASP B 136 1.10 -3.45 -11.58
CA ASP B 136 -0.06 -2.74 -11.08
C ASP B 136 -0.17 -3.14 -9.61
N LEU B 137 -0.19 -2.16 -8.73
CA LEU B 137 -0.26 -2.43 -7.30
C LEU B 137 -1.68 -2.37 -6.66
N ARG B 138 -2.72 -2.16 -7.46
CA ARG B 138 -4.04 -1.99 -6.87
C ARG B 138 -4.63 -3.21 -6.15
N LEU B 139 -4.45 -4.40 -6.68
CA LEU B 139 -4.87 -5.59 -5.98
C LEU B 139 -4.04 -5.87 -4.74
N PHE B 140 -2.73 -5.67 -4.78
CA PHE B 140 -1.92 -5.78 -3.60
C PHE B 140 -2.50 -4.91 -2.53
N ASP B 141 -2.69 -3.65 -2.87
CA ASP B 141 -3.12 -2.71 -1.85
C ASP B 141 -4.50 -3.10 -1.30
N HIS B 142 -5.36 -3.54 -2.16
CA HIS B 142 -6.70 -3.90 -1.75
C HIS B 142 -6.63 -5.01 -0.70
N PHE B 143 -5.88 -6.09 -1.00
CA PHE B 143 -5.80 -7.21 -0.07
C PHE B 143 -4.95 -6.91 1.16
N ASN B 144 -3.89 -6.13 1.01
CA ASN B 144 -3.18 -5.64 2.15
C ASN B 144 -4.05 -4.86 3.12
N ALA B 145 -4.97 -4.06 2.58
CA ALA B 145 -5.94 -3.36 3.45
C ALA B 145 -6.90 -4.34 4.16
N GLN B 146 -7.28 -5.39 3.48
CA GLN B 146 -8.30 -6.32 4.02
C GLN B 146 -7.74 -7.32 5.00
N VAL B 147 -6.51 -7.78 4.79
CA VAL B 147 -5.95 -8.80 5.69
C VAL B 147 -4.69 -8.38 6.44
N GLY B 148 -4.17 -7.16 6.21
CA GLY B 148 -3.06 -6.65 7.00
C GLY B 148 -3.51 -6.38 8.44
N LEU B 149 -2.55 -6.30 9.34
CA LEU B 149 -2.76 -6.09 10.76
C LEU B 149 -1.90 -4.93 11.19
N ASP B 150 -2.37 -4.21 12.21
CA ASP B 150 -1.54 -3.18 12.91
C ASP B 150 -0.52 -3.85 13.85
N ARG B 151 0.42 -3.07 14.35
CA ARG B 151 1.54 -3.63 15.01
C ARG B 151 1.09 -4.48 16.22
N ALA B 152 0.16 -3.95 17.02
CA ALA B 152 -0.33 -4.66 18.19
C ALA B 152 -0.90 -6.03 17.76
N GLN B 153 -1.63 -6.01 16.67
CA GLN B 153 -2.26 -7.23 16.16
C GLN B 153 -1.22 -8.17 15.68
N CYS B 154 -0.21 -7.64 14.97
CA CYS B 154 0.88 -8.48 14.51
C CYS B 154 1.60 -9.17 15.71
N ALA B 155 1.83 -8.41 16.78
CA ALA B 155 2.49 -8.95 18.00
C ALA B 155 1.62 -10.08 18.59
N VAL B 156 0.30 -9.87 18.67
CA VAL B 156 -0.61 -10.96 19.10
C VAL B 156 -0.45 -12.21 18.23
N ALA B 157 -0.43 -12.03 16.90
CA ALA B 157 -0.36 -13.17 16.03
C ALA B 157 0.90 -14.00 16.26
N THR B 158 2.03 -13.33 16.47
CA THR B 158 3.30 -14.02 16.69
C THR B 158 3.26 -14.89 17.96
N THR B 159 2.42 -14.53 18.96
CA THR B 159 2.24 -15.38 20.15
C THR B 159 1.46 -16.67 19.89
N LYS B 160 0.72 -16.74 18.79
CA LYS B 160 -0.14 -17.89 18.50
C LYS B 160 0.31 -18.67 17.27
N LEU B 161 1.47 -18.37 16.71
CA LEU B 161 1.89 -19.00 15.45
C LEU B 161 3.33 -19.40 15.56
N ILE B 162 3.72 -20.53 14.95
CA ILE B 162 5.13 -20.89 14.91
C ILE B 162 5.96 -19.85 14.13
N LYS B 163 7.22 -19.73 14.52
CA LYS B 163 8.21 -18.77 13.95
C LYS B 163 8.21 -18.73 12.43
N GLU B 164 8.02 -19.90 11.80
CA GLU B 164 8.02 -20.03 10.33
C GLU B 164 6.67 -19.63 9.69
N SER B 165 5.70 -19.20 10.50
CA SER B 165 4.41 -18.74 9.99
C SER B 165 4.08 -17.32 10.43
N HIS B 166 5.09 -16.60 10.88
CA HIS B 166 4.98 -15.17 11.13
C HIS B 166 5.07 -14.41 9.84
N ASN B 167 4.10 -14.59 8.99
CA ASN B 167 4.07 -13.89 7.66
C ASN B 167 2.68 -13.43 7.31
N ILE B 168 2.59 -12.37 6.52
CA ILE B 168 1.33 -11.84 6.03
C ILE B 168 1.31 -11.95 4.50
N VAL B 169 2.47 -11.82 3.83
CA VAL B 169 2.46 -11.81 2.35
C VAL B 169 3.74 -12.48 1.88
N CYS B 170 3.73 -12.95 0.64
CA CYS B 170 4.96 -13.36 0.00
C CYS B 170 4.81 -13.09 -1.46
N THR B 171 5.92 -13.11 -2.20
CA THR B 171 5.96 -12.59 -3.56
C THR B 171 6.55 -13.64 -4.49
N SER B 172 6.02 -13.81 -5.70
CA SER B 172 6.65 -14.59 -6.73
C SER B 172 6.86 -13.74 -7.98
N LEU B 173 7.89 -14.06 -8.74
CA LEU B 173 8.25 -13.34 -9.90
C LEU B 173 8.38 -14.35 -11.00
N ASP B 174 7.49 -14.27 -11.98
CA ASP B 174 7.60 -15.21 -13.11
C ASP B 174 8.54 -14.59 -14.17
N LEU B 175 9.49 -15.36 -14.65
CA LEU B 175 10.46 -14.82 -15.58
C LEU B 175 10.04 -15.30 -16.95
N LYS B 176 9.11 -14.56 -17.52
CA LYS B 176 8.35 -15.04 -18.68
C LYS B 176 8.28 -14.03 -19.80
N ASP B 177 8.47 -14.51 -21.03
CA ASP B 177 8.31 -13.65 -22.23
C ASP B 177 9.28 -12.44 -22.18
N GLY B 178 10.48 -12.63 -21.63
CA GLY B 178 11.48 -11.53 -21.38
C GLY B 178 11.05 -10.44 -20.38
N GLU B 179 9.96 -10.65 -19.64
CA GLU B 179 9.48 -9.74 -18.62
C GLU B 179 9.67 -10.40 -17.22
N VAL B 180 9.43 -9.59 -16.20
CA VAL B 180 9.27 -10.02 -14.82
C VAL B 180 7.81 -9.76 -14.47
N ILE B 181 7.10 -10.80 -14.07
CA ILE B 181 5.66 -10.72 -13.77
C ILE B 181 5.42 -11.08 -12.32
N PRO B 182 5.06 -10.07 -11.49
CA PRO B 182 4.91 -10.35 -10.07
C PRO B 182 3.54 -10.83 -9.71
N LYS B 183 3.50 -11.67 -8.70
CA LYS B 183 2.29 -12.05 -8.05
C LYS B 183 2.52 -12.24 -6.60
N VAL B 184 1.45 -12.10 -5.83
CA VAL B 184 1.56 -12.11 -4.38
C VAL B 184 0.52 -13.03 -3.76
N TYR B 185 0.82 -13.57 -2.57
N TYR B 185 0.76 -13.39 -2.49
CA TYR B 185 -0.17 -14.29 -1.78
CA TYR B 185 -0.04 -14.36 -1.76
C TYR B 185 -0.20 -13.63 -0.43
C TYR B 185 -0.18 -13.88 -0.32
N PHE B 186 -1.40 -13.54 0.08
CA PHE B 186 -1.69 -13.03 1.36
C PHE B 186 -2.20 -14.09 2.27
N SER B 187 -1.68 -14.06 3.50
CA SER B 187 -2.06 -14.97 4.54
C SER B 187 -3.31 -14.49 5.28
N THR B 188 -4.34 -15.37 5.37
CA THR B 188 -5.58 -15.11 6.11
C THR B 188 -5.53 -15.46 7.59
N ILE B 189 -4.57 -16.32 7.95
CA ILE B 189 -4.53 -16.88 9.28
C ILE B 189 -4.26 -15.84 10.38
N PRO B 190 -3.26 -14.96 10.20
CA PRO B 190 -3.08 -13.96 11.26
C PRO B 190 -4.33 -13.14 11.58
N LYS B 191 -5.04 -12.61 10.56
CA LYS B 191 -6.25 -11.83 10.80
C LYS B 191 -7.32 -12.71 11.43
N GLY B 192 -7.49 -13.94 10.93
CA GLY B 192 -8.51 -14.84 11.52
C GLY B 192 -8.22 -15.06 13.00
N LEU B 193 -6.95 -15.29 13.35
CA LEU B 193 -6.58 -15.58 14.74
C LEU B 193 -6.78 -14.41 15.66
N VAL B 194 -6.39 -13.25 15.18
CA VAL B 194 -6.37 -12.06 16.00
C VAL B 194 -7.79 -11.47 16.15
N THR B 195 -8.61 -11.56 15.12
CA THR B 195 -9.96 -11.05 15.18
C THR B 195 -11.01 -12.12 15.58
N GLU B 196 -10.60 -13.37 15.69
CA GLU B 196 -11.55 -14.51 15.86
C GLU B 196 -12.67 -14.49 14.86
N THR B 197 -12.32 -14.27 13.60
CA THR B 197 -13.22 -14.35 12.47
C THR B 197 -12.97 -15.64 11.71
N PRO B 198 -14.04 -16.32 11.26
CA PRO B 198 -13.84 -17.45 10.38
C PRO B 198 -13.07 -17.12 9.06
N LEU B 199 -12.16 -18.01 8.72
CA LEU B 199 -11.23 -17.80 7.60
C LEU B 199 -12.00 -17.70 6.31
N PHE B 200 -13.01 -18.56 6.17
CA PHE B 200 -13.92 -18.49 5.08
C PHE B 200 -14.55 -17.10 5.00
N ASP B 201 -15.07 -16.59 6.12
CA ASP B 201 -15.77 -15.30 6.09
C ASP B 201 -14.83 -14.17 5.66
N LEU B 202 -13.67 -14.13 6.24
CA LEU B 202 -12.80 -13.05 5.90
C LEU B 202 -12.28 -13.15 4.47
N THR B 203 -11.98 -14.35 4.00
CA THR B 203 -11.59 -14.50 2.61
C THR B 203 -12.60 -13.99 1.67
N PHE B 204 -13.86 -14.45 1.81
CA PHE B 204 -14.84 -13.99 0.91
C PHE B 204 -15.24 -12.55 1.18
N ALA B 205 -15.12 -12.07 2.40
CA ALA B 205 -15.44 -10.62 2.63
C ALA B 205 -14.45 -9.75 1.82
N ALA B 206 -13.17 -10.10 1.93
CA ALA B 206 -12.11 -9.39 1.20
C ALA B 206 -12.33 -9.42 -0.30
N ILE B 207 -12.64 -10.60 -0.85
CA ILE B 207 -12.89 -10.72 -2.26
C ILE B 207 -14.12 -9.90 -2.76
N GLU B 208 -15.20 -9.96 -1.99
CA GLU B 208 -16.42 -9.29 -2.39
C GLU B 208 -16.34 -7.76 -2.28
N GLN B 209 -15.30 -7.24 -1.62
CA GLN B 209 -15.01 -5.77 -1.60
C GLN B 209 -14.05 -5.27 -2.71
N MET B 210 -13.53 -6.18 -3.55
CA MET B 210 -12.79 -5.82 -4.71
C MET B 210 -13.61 -4.98 -5.67
N GLU B 211 -13.03 -3.89 -6.15
CA GLU B 211 -13.64 -3.15 -7.24
C GLU B 211 -14.02 -4.06 -8.41
N VAL B 212 -13.14 -4.95 -8.86
CA VAL B 212 -13.43 -5.83 -10.04
C VAL B 212 -14.61 -6.79 -9.82
N TYR B 213 -14.79 -7.26 -8.59
CA TYR B 213 -15.95 -8.06 -8.23
C TYR B 213 -17.22 -7.26 -8.46
N HIS B 214 -17.23 -6.00 -8.00
CA HIS B 214 -18.37 -5.12 -8.25
C HIS B 214 -18.68 -4.86 -9.72
N LYS B 215 -17.68 -4.88 -10.58
CA LYS B 215 -17.84 -4.65 -12.02
C LYS B 215 -18.06 -5.89 -12.90
N ASP B 216 -17.81 -7.11 -12.40
CA ASP B 216 -17.78 -8.30 -13.27
C ASP B 216 -18.74 -9.39 -12.81
N ALA B 217 -19.89 -9.47 -13.48
CA ALA B 217 -20.87 -10.51 -13.21
C ALA B 217 -20.29 -11.94 -13.34
N PRO B 218 -19.53 -12.23 -14.40
CA PRO B 218 -19.01 -13.60 -14.51
C PRO B 218 -18.18 -14.02 -13.30
N LEU B 219 -17.30 -13.13 -12.83
CA LEU B 219 -16.50 -13.43 -11.62
C LEU B 219 -17.40 -13.66 -10.44
N ARG B 220 -18.50 -12.92 -10.30
CA ARG B 220 -19.42 -13.08 -9.12
C ARG B 220 -20.13 -14.46 -9.22
N THR B 221 -20.31 -14.91 -10.45
CA THR B 221 -20.92 -16.21 -10.77
C THR B 221 -19.98 -17.35 -10.38
N ALA B 222 -18.73 -17.30 -10.87
CA ALA B 222 -17.71 -18.28 -10.47
C ALA B 222 -17.48 -18.31 -8.96
N LEU B 223 -17.40 -17.14 -8.35
CA LEU B 223 -17.19 -17.07 -6.92
C LEU B 223 -18.32 -17.66 -6.08
N SER B 224 -19.59 -17.46 -6.47
CA SER B 224 -20.68 -18.09 -5.65
C SER B 224 -20.60 -19.61 -5.79
N SER B 225 -20.26 -20.12 -6.97
CA SER B 225 -20.08 -21.57 -7.14
C SER B 225 -18.98 -22.09 -6.24
N LEU B 226 -17.83 -21.37 -6.19
CA LEU B 226 -16.77 -21.75 -5.29
C LEU B 226 -17.21 -21.69 -3.84
N LYS B 227 -17.93 -20.65 -3.46
CA LYS B 227 -18.44 -20.60 -2.09
C LYS B 227 -19.37 -21.80 -1.82
N ASP B 228 -20.23 -22.14 -2.79
CA ASP B 228 -21.16 -23.29 -2.58
C ASP B 228 -20.37 -24.57 -2.34
N PHE B 229 -19.25 -24.72 -3.03
CA PHE B 229 -18.38 -25.89 -2.86
C PHE B 229 -17.65 -25.83 -1.53
N LEU B 230 -17.07 -24.67 -1.22
CA LEU B 230 -16.23 -24.59 -0.02
C LEU B 230 -16.99 -24.50 1.29
N ARG B 231 -18.14 -23.86 1.34
CA ARG B 231 -18.83 -23.65 2.65
C ARG B 231 -18.97 -24.94 3.45
N PRO B 232 -19.50 -26.04 2.86
CA PRO B 232 -19.58 -27.29 3.67
C PRO B 232 -18.25 -27.92 4.09
N ARG B 233 -17.16 -27.54 3.43
CA ARG B 233 -15.89 -28.21 3.62
C ARG B 233 -14.90 -27.52 4.56
N VAL B 234 -15.04 -26.23 4.80
CA VAL B 234 -14.09 -25.55 5.70
C VAL B 234 -14.84 -25.10 6.93
N PRO B 235 -14.12 -24.71 8.01
CA PRO B 235 -14.87 -24.30 9.20
C PRO B 235 -15.83 -23.13 9.07
N THR B 236 -16.90 -23.24 9.85
CA THR B 236 -17.91 -22.22 9.94
C THR B 236 -17.54 -21.29 11.07
N ASP B 237 -16.80 -21.81 12.07
CA ASP B 237 -16.34 -21.02 13.20
C ASP B 237 -14.92 -20.47 12.89
N ALA B 238 -14.25 -19.93 13.91
CA ALA B 238 -12.97 -19.21 13.76
C ALA B 238 -11.74 -20.08 13.97
N SER B 239 -11.90 -21.39 14.10
CA SER B 239 -10.74 -22.24 14.36
C SER B 239 -9.83 -22.37 13.12
N ILE B 240 -8.59 -22.77 13.36
CA ILE B 240 -7.59 -23.06 12.33
C ILE B 240 -7.55 -24.58 12.17
N THR B 241 -8.64 -25.14 11.66
CA THR B 241 -8.81 -26.57 11.50
C THR B 241 -8.81 -26.87 10.01
N PRO B 242 -7.78 -27.56 9.50
CA PRO B 242 -7.87 -27.80 8.07
C PRO B 242 -9.00 -28.78 7.74
N PRO B 243 -9.55 -28.82 6.52
CA PRO B 243 -9.16 -27.95 5.40
C PRO B 243 -9.55 -26.49 5.61
N LEU B 244 -8.67 -25.57 5.19
CA LEU B 244 -8.97 -24.16 5.38
C LEU B 244 -8.48 -23.23 4.26
N THR B 245 -9.16 -22.08 4.14
CA THR B 245 -8.84 -21.11 3.13
C THR B 245 -7.70 -20.29 3.73
N GLY B 246 -6.45 -20.60 3.36
CA GLY B 246 -5.28 -20.04 3.99
C GLY B 246 -4.51 -18.92 3.27
N LEU B 247 -4.66 -18.81 1.95
CA LEU B 247 -4.04 -17.77 1.15
C LEU B 247 -4.97 -17.25 0.10
N ILE B 248 -4.80 -15.97 -0.20
CA ILE B 248 -5.45 -15.35 -1.30
C ILE B 248 -4.35 -14.86 -2.23
N GLY B 249 -4.36 -15.29 -3.49
CA GLY B 249 -3.32 -14.90 -4.49
C GLY B 249 -3.88 -13.94 -5.56
N VAL B 250 -3.07 -12.95 -5.96
CA VAL B 250 -3.42 -12.07 -7.07
C VAL B 250 -2.15 -11.87 -7.89
N ASP B 251 -2.34 -11.53 -9.15
CA ASP B 251 -1.28 -11.07 -10.04
C ASP B 251 -1.21 -9.55 -9.92
N CYS B 252 0.00 -9.00 -9.96
CA CYS B 252 0.15 -7.58 -9.82
C CYS B 252 0.09 -6.93 -11.18
N ILE B 253 -1.08 -7.02 -11.79
CA ILE B 253 -1.35 -6.51 -13.12
C ILE B 253 -2.72 -5.86 -13.11
N ASP B 254 -3.06 -5.27 -14.24
CA ASP B 254 -4.43 -4.75 -14.45
C ASP B 254 -5.48 -5.63 -13.74
N PRO B 255 -6.27 -5.06 -12.85
CA PRO B 255 -7.13 -5.94 -12.09
C PRO B 255 -8.13 -6.78 -12.91
N MET B 256 -8.49 -6.32 -14.11
CA MET B 256 -9.39 -7.04 -15.03
C MET B 256 -8.73 -8.22 -15.69
N LEU B 257 -7.41 -8.27 -15.67
CA LEU B 257 -6.65 -9.39 -16.22
C LEU B 257 -6.10 -10.37 -15.15
N SER B 258 -6.13 -9.97 -13.89
CA SER B 258 -5.50 -10.75 -12.83
C SER B 258 -6.31 -12.00 -12.49
N ARG B 259 -5.62 -13.10 -12.24
CA ARG B 259 -6.25 -14.28 -11.71
C ARG B 259 -6.34 -14.14 -10.22
N LEU B 260 -7.51 -14.36 -9.63
CA LEU B 260 -7.72 -14.40 -8.21
C LEU B 260 -7.60 -15.84 -7.80
N LYS B 261 -6.77 -16.12 -6.80
CA LYS B 261 -6.51 -17.51 -6.35
C LYS B 261 -6.91 -17.68 -4.89
N VAL B 262 -7.70 -18.73 -4.62
CA VAL B 262 -8.07 -19.04 -3.27
C VAL B 262 -7.44 -20.39 -2.96
N TYR B 263 -6.53 -20.39 -2.02
N TYR B 263 -6.54 -20.38 -2.00
CA TYR B 263 -5.69 -21.53 -1.70
CA TYR B 263 -5.75 -21.53 -1.66
C TYR B 263 -6.17 -22.19 -0.43
C TYR B 263 -6.29 -22.19 -0.43
N LEU B 264 -6.45 -23.50 -0.54
CA LEU B 264 -6.79 -24.33 0.62
C LEU B 264 -5.57 -25.07 1.09
N ALA B 265 -5.41 -25.17 2.39
CA ALA B 265 -4.35 -26.03 2.96
C ALA B 265 -5.04 -27.11 3.70
N THR B 266 -4.50 -28.32 3.55
CA THR B 266 -5.01 -29.45 4.26
C THR B 266 -3.89 -30.44 4.53
N PHE B 267 -4.07 -31.19 5.60
CA PHE B 267 -3.13 -32.21 6.00
C PHE B 267 -3.56 -33.61 5.58
N ARG B 268 -4.82 -33.78 5.20
CA ARG B 268 -5.26 -35.08 4.69
C ARG B 268 -5.48 -35.05 3.21
N MET B 269 -4.95 -36.02 2.49
CA MET B 269 -5.19 -36.15 1.08
C MET B 269 -5.20 -37.62 0.69
N ASP B 270 -6.37 -38.18 0.41
CA ASP B 270 -6.44 -39.53 -0.09
C ASP B 270 -7.18 -39.46 -1.42
N LEU B 271 -7.38 -40.58 -2.05
CA LEU B 271 -8.03 -40.59 -3.35
C LEU B 271 -9.37 -39.88 -3.40
N SER B 272 -10.22 -40.08 -2.41
CA SER B 272 -11.56 -39.53 -2.44
C SER B 272 -11.48 -38.00 -2.31
N LEU B 273 -10.52 -37.50 -1.52
CA LEU B 273 -10.40 -36.06 -1.42
C LEU B 273 -9.81 -35.44 -2.70
N ILE B 274 -8.86 -36.11 -3.30
CA ILE B 274 -8.28 -35.60 -4.53
C ILE B 274 -9.39 -35.45 -5.55
N ARG B 275 -10.21 -36.48 -5.60
CA ARG B 275 -11.40 -36.45 -6.43
C ARG B 275 -12.36 -35.32 -6.12
N ASP B 276 -12.69 -35.14 -4.87
CA ASP B 276 -13.62 -34.08 -4.43
C ASP B 276 -13.05 -32.68 -4.76
N TYR B 277 -11.78 -32.45 -4.41
CA TYR B 277 -11.13 -31.17 -4.78
C TYR B 277 -11.08 -30.90 -6.26
N TRP B 278 -10.61 -31.89 -7.04
CA TRP B 278 -10.34 -31.69 -8.43
C TRP B 278 -11.60 -31.44 -9.22
N THR B 279 -12.67 -32.16 -8.88
CA THR B 279 -13.98 -32.00 -9.60
C THR B 279 -14.94 -31.03 -8.96
N LEU B 280 -14.49 -30.33 -7.93
CA LEU B 280 -15.33 -29.49 -7.11
C LEU B 280 -16.60 -30.26 -6.74
N GLY B 281 -16.42 -31.42 -6.14
CA GLY B 281 -17.55 -32.16 -5.54
C GLY B 281 -18.50 -32.77 -6.53
N GLY B 282 -18.02 -33.03 -7.73
CA GLY B 282 -18.83 -33.52 -8.82
C GLY B 282 -19.38 -32.44 -9.73
N LEU B 283 -19.09 -31.16 -9.47
CA LEU B 283 -19.48 -30.08 -10.39
C LEU B 283 -18.82 -30.14 -11.77
N LEU B 284 -17.54 -30.53 -11.86
CA LEU B 284 -16.82 -30.61 -13.14
C LEU B 284 -16.70 -32.08 -13.49
N THR B 285 -17.29 -32.49 -14.61
CA THR B 285 -17.32 -33.95 -14.97
C THR B 285 -16.97 -34.14 -16.45
N ASP B 286 -16.42 -33.10 -17.06
CA ASP B 286 -16.11 -33.11 -18.48
C ASP B 286 -14.81 -33.87 -18.71
N ALA B 287 -14.57 -34.21 -19.97
CA ALA B 287 -13.48 -35.06 -20.34
C ALA B 287 -12.14 -34.43 -19.98
N GLY B 288 -12.02 -33.10 -20.14
CA GLY B 288 -10.78 -32.36 -19.78
C GLY B 288 -10.45 -32.51 -18.31
N THR B 289 -11.41 -32.22 -17.46
CA THR B 289 -11.24 -32.41 -16.03
C THR B 289 -10.84 -33.84 -15.70
N MET B 290 -11.49 -34.82 -16.35
CA MET B 290 -11.24 -36.21 -16.03
C MET B 290 -9.87 -36.68 -16.50
N LYS B 291 -9.40 -36.18 -17.63
CA LYS B 291 -8.05 -36.50 -18.07
C LYS B 291 -7.00 -35.93 -17.10
N GLY B 292 -7.25 -34.71 -16.63
CA GLY B 292 -6.41 -34.11 -15.58
C GLY B 292 -6.42 -34.93 -14.31
N LEU B 293 -7.60 -35.41 -13.89
CA LEU B 293 -7.70 -36.24 -12.74
C LEU B 293 -6.83 -37.50 -12.85
N GLU B 294 -6.93 -38.19 -13.96
CA GLU B 294 -6.09 -39.34 -14.18
C GLU B 294 -4.62 -39.00 -13.95
N MET B 295 -4.20 -37.88 -14.52
CA MET B 295 -2.84 -37.38 -14.40
C MET B 295 -2.48 -37.26 -12.94
N VAL B 296 -3.32 -36.60 -12.17
CA VAL B 296 -2.99 -36.35 -10.75
C VAL B 296 -2.95 -37.67 -9.97
N GLU B 297 -3.92 -38.55 -10.19
CA GLU B 297 -3.92 -39.84 -9.48
C GLU B 297 -2.66 -40.65 -9.79
N THR B 298 -2.23 -40.62 -11.03
CA THR B 298 -1.03 -41.30 -11.52
C THR B 298 0.22 -40.75 -10.89
N LEU B 299 0.32 -39.42 -10.88
CA LEU B 299 1.42 -38.76 -10.21
C LEU B 299 1.55 -39.20 -8.77
N ALA B 300 0.46 -39.14 -8.00
CA ALA B 300 0.54 -39.50 -6.60
C ALA B 300 0.95 -40.96 -6.42
N LYS B 301 0.37 -41.84 -7.22
CA LYS B 301 0.83 -43.24 -7.23
C LYS B 301 2.32 -43.43 -7.65
N THR B 302 2.80 -42.65 -8.61
CA THR B 302 4.17 -42.78 -9.09
C THR B 302 5.14 -42.28 -8.00
N LEU B 303 4.76 -41.21 -7.35
CA LEU B 303 5.52 -40.77 -6.21
C LEU B 303 5.30 -41.66 -4.99
N LEU B 318 4.48 -30.29 6.19
CA LEU B 318 3.91 -29.32 5.25
C LEU B 318 2.49 -29.81 4.80
N PRO B 319 1.54 -28.86 4.59
CA PRO B 319 0.21 -29.30 4.16
C PRO B 319 0.17 -29.50 2.66
N PHE B 320 -0.76 -30.33 2.17
CA PHE B 320 -1.14 -30.24 0.78
C PHE B 320 -1.82 -28.89 0.48
N GLY B 321 -1.71 -28.48 -0.78
CA GLY B 321 -2.27 -27.19 -1.23
C GLY B 321 -3.29 -27.51 -2.31
N ILE B 322 -4.40 -26.77 -2.31
CA ILE B 322 -5.35 -26.77 -3.42
C ILE B 322 -5.68 -25.35 -3.76
N ASN B 323 -5.39 -24.99 -5.00
CA ASN B 323 -5.49 -23.58 -5.48
C ASN B 323 -6.52 -23.44 -6.56
N TYR B 324 -7.62 -22.74 -6.26
CA TYR B 324 -8.66 -22.43 -7.23
C TYR B 324 -8.44 -21.03 -7.79
N ALA B 325 -8.27 -20.94 -9.10
CA ALA B 325 -7.90 -19.72 -9.78
C ALA B 325 -9.01 -19.25 -10.69
N MET B 326 -9.41 -18.00 -10.54
CA MET B 326 -10.52 -17.41 -11.29
C MET B 326 -10.12 -16.14 -11.93
N LYS B 327 -10.73 -15.84 -13.07
CA LYS B 327 -10.31 -14.75 -13.91
C LYS B 327 -11.56 -13.90 -14.18
N PRO B 328 -11.46 -12.58 -14.09
CA PRO B 328 -12.64 -11.81 -14.53
C PRO B 328 -13.06 -12.17 -15.96
N GLY B 329 -14.38 -12.23 -16.18
CA GLY B 329 -14.95 -12.51 -17.46
C GLY B 329 -15.34 -13.94 -17.64
N THR B 330 -14.98 -14.80 -16.70
CA THR B 330 -15.19 -16.24 -16.86
C THR B 330 -16.11 -16.63 -15.74
N ALA B 331 -17.24 -17.25 -16.06
CA ALA B 331 -18.24 -17.63 -15.07
C ALA B 331 -18.08 -19.03 -14.50
N GLU B 332 -17.45 -19.94 -15.24
CA GLU B 332 -17.34 -21.35 -14.86
C GLU B 332 -16.01 -21.59 -14.12
N LEU B 333 -16.02 -22.39 -13.06
CA LEU B 333 -14.74 -22.79 -12.41
C LEU B 333 -13.97 -23.82 -13.22
N ALA B 334 -12.67 -23.80 -13.05
CA ALA B 334 -11.75 -24.78 -13.62
C ALA B 334 -11.27 -25.68 -12.47
N PRO B 335 -10.67 -26.84 -12.79
CA PRO B 335 -10.03 -27.62 -11.75
C PRO B 335 -8.85 -26.83 -11.10
N PRO B 336 -8.59 -27.11 -9.82
CA PRO B 336 -7.56 -26.42 -9.10
C PRO B 336 -6.18 -26.92 -9.52
N GLN B 337 -5.17 -26.20 -9.08
CA GLN B 337 -3.87 -26.77 -9.09
C GLN B 337 -3.63 -27.42 -7.74
N ILE B 338 -3.08 -28.62 -7.73
CA ILE B 338 -2.86 -29.30 -6.42
C ILE B 338 -1.36 -29.34 -6.11
N TYR B 339 -1.03 -29.11 -4.84
CA TYR B 339 0.37 -29.02 -4.42
C TYR B 339 0.67 -30.14 -3.49
N PHE B 340 1.66 -30.92 -3.88
CA PHE B 340 2.20 -32.00 -3.03
C PHE B 340 3.51 -31.59 -2.34
N PRO B 341 3.59 -31.66 -1.01
CA PRO B 341 4.88 -31.36 -0.35
C PRO B 341 5.83 -32.56 -0.49
N LEU B 342 7.08 -32.29 -0.79
CA LEU B 342 8.04 -33.32 -1.06
C LEU B 342 9.15 -33.37 0.00
N LEU B 343 9.01 -32.58 1.05
CA LEU B 343 10.03 -32.53 2.09
C LEU B 343 10.08 -33.92 2.78
N GLY B 344 11.29 -34.45 2.98
CA GLY B 344 11.46 -35.76 3.62
C GLY B 344 11.62 -36.92 2.64
N ILE B 345 11.30 -36.72 1.37
CA ILE B 345 11.43 -37.73 0.32
C ILE B 345 12.72 -37.54 -0.40
N ASN B 346 13.41 -38.67 -0.63
CA ASN B 346 14.71 -38.70 -1.27
C ASN B 346 14.60 -38.05 -2.64
N ASP B 347 15.55 -37.14 -2.93
CA ASP B 347 15.51 -36.35 -4.15
C ASP B 347 15.85 -37.13 -5.42
N GLY B 348 16.66 -38.17 -5.27
CA GLY B 348 16.93 -39.02 -6.41
C GLY B 348 15.74 -39.91 -6.72
N PHE B 349 15.04 -40.34 -5.69
CA PHE B 349 13.82 -41.05 -5.88
C PHE B 349 12.82 -40.15 -6.61
N ILE B 350 12.65 -38.93 -6.07
CA ILE B 350 11.76 -37.96 -6.72
C ILE B 350 12.12 -37.79 -8.18
N ALA B 351 13.41 -37.64 -8.48
CA ALA B 351 13.85 -37.48 -9.84
C ALA B 351 13.41 -38.68 -10.71
N ASP B 352 13.62 -39.88 -10.20
CA ASP B 352 13.33 -41.08 -10.95
C ASP B 352 11.82 -41.21 -11.13
N ALA B 353 11.05 -40.87 -10.10
CA ALA B 353 9.58 -40.82 -10.24
C ALA B 353 9.10 -39.81 -11.26
N LEU B 354 9.66 -38.58 -11.27
CA LEU B 354 9.30 -37.62 -12.29
C LEU B 354 9.64 -38.07 -13.70
N VAL B 355 10.78 -38.73 -13.86
CA VAL B 355 11.18 -39.25 -15.13
C VAL B 355 10.07 -40.19 -15.56
N GLU B 356 9.62 -41.04 -14.67
CA GLU B 356 8.51 -41.96 -15.03
C GLU B 356 7.21 -41.27 -15.38
N PHE B 357 6.86 -40.31 -14.57
CA PHE B 357 5.71 -39.52 -14.83
C PHE B 357 5.80 -38.78 -16.17
N PHE B 358 6.96 -38.18 -16.52
CA PHE B 358 7.05 -37.48 -17.75
C PHE B 358 6.88 -38.46 -18.92
N GLN B 359 7.40 -39.67 -18.76
CA GLN B 359 7.21 -40.70 -19.82
C GLN B 359 5.72 -41.04 -19.95
N TYR B 360 5.04 -41.20 -18.83
CA TYR B 360 3.58 -41.42 -18.86
C TYR B 360 2.82 -40.31 -19.60
N MET B 361 3.24 -39.08 -19.37
CA MET B 361 2.67 -37.93 -20.09
C MET B 361 3.12 -37.84 -21.52
N GLY B 362 4.02 -38.68 -21.97
CA GLY B 362 4.63 -38.52 -23.32
C GLY B 362 5.56 -37.31 -23.49
N TRP B 363 6.06 -36.71 -22.38
CA TRP B 363 7.05 -35.64 -22.46
C TRP B 363 8.43 -36.29 -22.47
N GLU B 364 8.77 -36.90 -23.60
CA GLU B 364 9.95 -37.77 -23.65
C GLU B 364 11.26 -36.98 -23.43
N ASP B 365 11.33 -35.82 -24.03
CA ASP B 365 12.50 -35.00 -23.98
C ASP B 365 12.70 -34.48 -22.54
N GLN B 366 11.59 -34.11 -21.87
CA GLN B 366 11.67 -33.76 -20.45
C GLN B 366 12.14 -34.94 -19.61
N ALA B 367 11.61 -36.13 -19.85
CA ALA B 367 12.07 -37.33 -19.13
C ALA B 367 13.56 -37.62 -19.32
N ASN B 368 14.07 -37.44 -20.54
CA ASN B 368 15.45 -37.80 -20.82
C ASN B 368 16.48 -36.86 -20.20
N ARG B 369 16.07 -35.63 -19.93
CA ARG B 369 16.96 -34.56 -19.44
C ARG B 369 16.80 -34.24 -17.97
N TYR B 370 15.71 -34.69 -17.29
CA TYR B 370 15.41 -34.22 -15.92
C TYR B 370 16.46 -34.48 -14.88
N LYS B 371 16.89 -35.74 -14.75
CA LYS B 371 17.80 -36.10 -13.72
C LYS B 371 19.19 -35.47 -13.95
N ASP B 372 19.74 -35.55 -15.16
CA ASP B 372 21.06 -34.93 -15.39
C ASP B 372 21.00 -33.41 -15.17
N GLU B 373 19.95 -32.79 -15.71
CA GLU B 373 19.79 -31.34 -15.51
C GLU B 373 19.59 -30.98 -14.01
N LEU B 374 18.88 -31.81 -13.25
CA LEU B 374 18.77 -31.64 -11.79
C LEU B 374 20.11 -31.65 -11.07
N LYS B 375 20.95 -32.63 -11.39
CA LYS B 375 22.27 -32.67 -10.77
C LYS B 375 23.09 -31.44 -11.10
N ALA B 376 22.97 -30.96 -12.35
CA ALA B 376 23.71 -29.80 -12.82
C ALA B 376 23.20 -28.50 -12.21
N LYS B 377 21.94 -28.45 -11.80
CA LYS B 377 21.42 -27.28 -11.10
C LYS B 377 22.06 -27.16 -9.69
N PHE B 378 22.35 -28.30 -9.06
CA PHE B 378 22.74 -28.42 -7.63
C PHE B 378 24.02 -29.27 -7.44
N PRO B 379 25.11 -28.81 -8.08
CA PRO B 379 26.37 -29.58 -8.15
C PRO B 379 27.02 -29.75 -6.81
N ASN B 380 26.71 -28.91 -5.82
CA ASN B 380 27.31 -29.03 -4.48
C ASN B 380 26.74 -30.12 -3.63
N VAL B 381 25.69 -30.80 -4.11
CA VAL B 381 24.97 -31.73 -3.28
C VAL B 381 24.85 -33.03 -4.06
N ASP B 382 24.66 -34.12 -3.34
CA ASP B 382 24.46 -35.44 -3.99
C ASP B 382 22.98 -35.74 -3.90
N ILE B 383 22.24 -35.75 -5.02
CA ILE B 383 20.76 -35.80 -4.92
C ILE B 383 20.25 -37.15 -4.39
N SER B 384 21.06 -38.21 -4.60
CA SER B 384 20.78 -39.52 -4.03
C SER B 384 20.84 -39.55 -2.53
N GLN B 385 21.45 -38.53 -1.91
CA GLN B 385 21.53 -38.44 -0.45
C GLN B 385 20.78 -37.30 0.23
N THR B 386 20.14 -36.42 -0.54
CA THR B 386 19.35 -35.31 0.04
C THR B 386 17.86 -35.64 0.09
N LYS B 387 17.16 -34.98 0.98
CA LYS B 387 15.71 -35.12 1.09
C LYS B 387 14.98 -33.74 1.11
N ASN B 388 15.68 -32.63 0.94
CA ASN B 388 14.98 -31.31 1.06
C ASN B 388 15.11 -30.40 -0.17
N VAL B 389 15.74 -30.83 -1.25
CA VAL B 389 15.99 -30.01 -2.43
C VAL B 389 14.69 -29.74 -3.22
N HIS B 390 13.99 -30.82 -3.62
CA HIS B 390 12.58 -30.71 -4.02
C HIS B 390 11.72 -30.42 -2.82
N ARG B 391 11.05 -29.27 -2.77
CA ARG B 391 10.17 -28.99 -1.68
C ARG B 391 8.67 -29.20 -2.00
N TRP B 392 8.24 -28.78 -3.19
CA TRP B 392 6.89 -28.89 -3.63
C TRP B 392 6.80 -29.27 -5.07
N LEU B 393 5.70 -29.88 -5.37
CA LEU B 393 5.36 -30.12 -6.74
C LEU B 393 3.88 -29.67 -6.91
N GLY B 394 3.56 -28.91 -7.96
CA GLY B 394 2.18 -28.50 -8.28
C GLY B 394 1.81 -29.10 -9.63
N VAL B 395 0.59 -29.58 -9.76
CA VAL B 395 0.12 -30.20 -10.99
C VAL B 395 -1.17 -29.51 -11.37
N ALA B 396 -1.29 -29.17 -12.65
CA ALA B 396 -2.40 -28.45 -13.23
C ALA B 396 -2.77 -29.03 -14.59
N TYR B 397 -4.06 -28.84 -14.91
CA TYR B 397 -4.58 -29.09 -16.25
C TYR B 397 -5.51 -27.92 -16.61
N SER B 398 -5.30 -27.34 -17.76
CA SER B 398 -6.07 -26.17 -18.20
C SER B 398 -6.69 -26.58 -19.50
N GLU B 399 -7.97 -26.23 -19.72
CA GLU B 399 -8.66 -26.47 -21.03
C GLU B 399 -7.86 -25.91 -22.22
N THR B 400 -7.34 -24.70 -22.08
CA THR B 400 -6.66 -24.03 -23.18
C THR B 400 -5.14 -24.30 -23.32
N LYS B 401 -4.42 -24.38 -22.20
CA LYS B 401 -2.95 -24.59 -22.23
C LYS B 401 -2.51 -26.05 -22.02
N GLY B 402 -3.39 -26.91 -21.52
CA GLY B 402 -3.06 -28.31 -21.29
C GLY B 402 -2.44 -28.55 -19.89
N PRO B 403 -1.82 -29.72 -19.69
CA PRO B 403 -1.17 -30.06 -18.42
C PRO B 403 0.14 -29.26 -18.18
N SER B 404 0.46 -29.03 -16.92
CA SER B 404 1.72 -28.42 -16.59
C SER B 404 2.09 -28.95 -15.20
N MET B 405 3.38 -28.87 -14.90
CA MET B 405 3.88 -29.25 -13.61
C MET B 405 4.79 -28.11 -13.07
N ASN B 406 4.64 -27.79 -11.82
CA ASN B 406 5.49 -26.80 -11.18
C ASN B 406 6.35 -27.51 -10.16
N ILE B 407 7.68 -27.37 -10.20
CA ILE B 407 8.57 -28.05 -9.29
C ILE B 407 9.30 -26.94 -8.50
N TYR B 408 9.22 -26.95 -7.19
CA TYR B 408 9.74 -25.84 -6.36
C TYR B 408 10.95 -26.36 -5.65
N TYR B 409 12.09 -25.67 -5.81
CA TYR B 409 13.34 -26.08 -5.21
C TYR B 409 13.79 -25.17 -4.12
N ASP B 410 14.29 -25.79 -3.04
CA ASP B 410 14.96 -25.09 -1.93
C ASP B 410 16.41 -24.89 -2.42
N VAL B 411 16.61 -23.79 -3.11
CA VAL B 411 17.84 -23.54 -3.78
C VAL B 411 19.00 -23.48 -2.76
N VAL B 412 18.74 -22.93 -1.59
CA VAL B 412 19.80 -22.81 -0.59
C VAL B 412 20.19 -24.21 -0.13
N ALA B 413 19.19 -25.10 0.07
CA ALA B 413 19.50 -26.51 0.46
C ALA B 413 20.31 -27.22 -0.59
N GLY B 414 20.11 -26.85 -1.84
CA GLY B 414 20.84 -27.46 -2.95
C GLY B 414 22.23 -26.92 -3.21
N ASN B 415 22.65 -25.92 -2.43
CA ASN B 415 23.93 -25.27 -2.63
C ASN B 415 24.82 -25.36 -1.37
N VAL B 416 24.26 -25.58 -0.20
CA VAL B 416 25.05 -25.44 1.03
C VAL B 416 25.53 -26.85 1.32
O4 DST C . -6.77 18.88 10.66
P1 DST C . -8.37 18.99 10.44
O6 DST C . -8.86 20.17 11.41
O5 DST C . -9.05 17.70 10.73
O2 DST C . -8.59 19.50 8.92
P3 DST C . -7.53 19.11 7.77
O8 DST C . -6.34 20.21 7.91
O7 DST C . -7.02 17.73 7.92
S9 DST C . -8.40 19.46 6.08
C10 DST C . -6.94 19.54 4.98
C11 DST C . -7.23 20.47 3.81
C12 DST C . -6.15 20.73 2.75
C13 DST C . -4.79 20.05 2.87
C14 DST C . -6.45 21.67 1.58
CAA LBU D . 2.94 -23.20 7.28
CAB LBU D . 2.41 -24.20 8.11
CAC LBU D . 3.18 -25.33 8.38
OAO LBU D . 2.67 -26.30 9.20
CAD LBU D . 4.46 -25.44 7.82
CAE LBU D . 4.98 -24.43 7.00
CAF LBU D . 4.23 -23.29 6.71
CAG LBU D . 4.74 -22.25 5.86
CAI LBU D . 4.49 -22.60 4.37
CAR LBU D . 3.10 -22.87 4.12
OAX LBU D . 2.21 -22.09 4.48
OAY LBU D . 2.80 -24.02 3.42
CAZ LBU D . 1.68 -23.85 2.52
OAJ LBU D . 5.31 -23.79 4.06
CAK LBU D . 6.00 -23.47 2.93
OAP LBU D . 6.81 -24.23 2.32
CAL LBU D . 5.74 -22.22 2.52
OAQ LBU D . 6.30 -21.71 1.38
CAM LBU D . 4.88 -21.60 3.36
CAN LBU D . 4.55 -20.26 3.27
CAS LBU D . 5.63 -19.36 3.45
CAT LBU D . 5.47 -17.95 3.39
CAU LBU D . 4.22 -17.35 3.17
OBA LBU D . 4.11 -15.95 3.14
CAV LBU D . 3.14 -18.22 2.97
CAW LBU D . 3.30 -19.64 3.02
O4 DST E . 2.45 -20.00 -10.78
P1 DST E . 1.22 -20.83 -10.65
O6 DST E . 0.06 -19.97 -10.90
O5 DST E . 1.32 -21.89 -11.73
O2 DST E . 1.19 -21.42 -9.22
P3 DST E . 1.66 -20.64 -7.90
O8 DST E . 1.38 -19.21 -8.07
O7 DST E . 3.14 -20.86 -7.81
S9 DST E . 0.68 -21.11 -6.53
C10 DST E . 1.72 -20.67 -5.03
C11 DST E . 2.26 -21.81 -4.24
C12 DST E . 3.02 -21.55 -2.90
C13 DST E . 3.06 -20.16 -2.30
C14 DST E . 3.58 -22.74 -2.15
#